data_9OCL
#
_entry.id   9OCL
#
_cell.length_a   1.00
_cell.length_b   1.00
_cell.length_c   1.00
_cell.angle_alpha   90.00
_cell.angle_beta   90.00
_cell.angle_gamma   90.00
#
_symmetry.space_group_name_H-M   'P 1'
#
loop_
_entity.id
_entity.type
_entity.pdbx_description
1 polymer 'Capsid protein VP1'
2 polymer 'Capsid protein VP2'
3 polymer 'Capsid protein VP3'
4 polymer 'Capsid protein VP4'
5 polymer '10D2 Heavy Chain'
6 polymer '10D2 Light Chain'
7 non-polymer 'PALMITIC ACID'
#
loop_
_entity_poly.entity_id
_entity_poly.type
_entity_poly.pdbx_seq_one_letter_code
_entity_poly.pdbx_strand_id
1 'polypeptide(L)'
;GLGDLIEGVVEGVTRNALTPLTPANNLPDTQSSGPAHSKETPALTAVETGATNPLVPSDTVQTRHVIQKRTRSESTVESF
FARGACVAIIEVDNDAPTKRASKLFSVWKITYKDTVQLRRKLEFFTYSRFDMEFTFVVTSNYTDANNGHALNQVYQIMYI
PPGAPIPGKWNDYTWQTSSNPSVFYTYGAPPARISVPYVGIANAYSHFYDGFAKVPLAGQASTEGDSLYGAASLNDFGSL
AVRVVNDHNPTKLTSKIRVYMKPKHVRVWCPRPPRAVPYYGPGVDYKDGLAPLPGKGLTTY
;
1
2 'polypeptide(L)'
;SPNIEACGYSVRVMQLTLGNSTITTQEAANSVVAYGRWPEYIKDSEANPVDQPTEPDVAACRFYTLDTVTWRKESRGWWW
KLPDALKDMGLFGQNMFYHYLGRAGYTVHVQCNASKFHQGALGVFAVPEMCLAGDSTTHMFTKYENANPGEKGGEFKGSF
TLDTNATNPARNFCPVDYLFGSGVLAGNAFVYPHQIINLRTNNCATLVLPYVNSLSIDSMTKHNNWGIAILPLAPLDFAT
ESSTEIPITLTIAPMCCEFNGLRNITVPRTQ
;
2
3 'polypeptide(L)'
;GLPVLNTPGSNQYLTADNYQSPCAIPEFDVTPPIDIPGEVRNMMELAEIDTMIPLNLTNQRKNTMDMYRVELNDAAHSDT
PILCLSLSPASDPRLAHTMLGEILNYYTHWAGSLKFTFLFCGSMMATGKLLVSYAPPGAEAPKSRKEAMLGTHVIWDIGL
QSSCTMVVPWISNTTYRQTINDSFTEGGYISMFYQTRVVVPLSTPRKMDILGFVSACNDFSVRLLRDTTHISQEA
;
3
4 'polypeptide(L)' GAQVSSQKVGAHENSNRAYGGSTINYTTINYYRDSASNAASKQDFAQDPSKFTEPIKDVLIKTAPTLN 4
5 'polypeptide(L)'
;QVQLQQSGPGLVKPSETLSLTCAISGDSVSSKSAAWNWIRQSPSRGLEWLGRTYYRSKWSHNYAVSVRSRVTINPDTSKN
QFSLHLNSVTPEDTAVYYCTRASPSAYTHGWYGSYYYGMDVWGQGTTVTVSS
;
H
6 'polypeptide(L)'
;QSALTQPASVSGSPGQSITISCTGSSSDISDYNYVAWYQQHPGKAPKLIISDVSIRPSGVSARFSGSKSGNTASLTISGL
QVEDEADYYCSSYTSDINILFGGGTKLTVL
;
L
#
loop_
_chem_comp.id
_chem_comp.type
_chem_comp.name
_chem_comp.formula
PLM non-polymer 'PALMITIC ACID' 'C16 H32 O2'
#
# COMPACT_ATOMS: atom_id res chain seq x y z
N ASN A 25 -10.92 30.66 14.18
CA ASN A 25 -10.24 30.68 12.85
C ASN A 25 -11.17 31.26 11.79
N ASN A 26 -10.95 32.52 11.44
CA ASN A 26 -11.79 33.20 10.46
C ASN A 26 -11.35 32.84 9.04
N LEU A 27 -12.01 33.45 8.06
CA LEU A 27 -11.68 33.32 6.66
C LEU A 27 -11.66 34.70 6.03
N PRO A 28 -10.90 34.88 4.95
CA PRO A 28 -10.80 36.22 4.35
C PRO A 28 -12.12 36.68 3.74
N ASP A 29 -12.35 37.99 3.79
CA ASP A 29 -13.57 38.56 3.23
C ASP A 29 -13.37 38.93 1.77
N THR A 30 -14.46 39.30 1.11
CA THR A 30 -14.45 39.66 -0.30
C THR A 30 -14.71 41.16 -0.45
N GLN A 31 -13.82 41.85 -1.15
CA GLN A 31 -13.95 43.29 -1.36
C GLN A 31 -14.53 43.57 -2.75
N SER A 32 -15.02 44.80 -2.91
CA SER A 32 -15.67 45.19 -4.16
C SER A 32 -14.64 45.53 -5.23
N SER A 33 -15.04 45.35 -6.49
CA SER A 33 -14.21 45.70 -7.64
C SER A 33 -15.12 46.13 -8.79
N GLY A 34 -14.64 47.09 -9.57
CA GLY A 34 -15.37 47.57 -10.72
C GLY A 34 -14.78 47.08 -12.02
N PRO A 35 -15.16 47.69 -13.14
CA PRO A 35 -14.59 47.31 -14.43
C PRO A 35 -13.17 47.79 -14.58
N ALA A 36 -12.48 47.26 -15.60
CA ALA A 36 -11.08 47.56 -15.82
C ALA A 36 -10.80 47.60 -17.31
N HIS A 37 -9.69 48.25 -17.67
CA HIS A 37 -9.25 48.34 -19.05
C HIS A 37 -7.74 48.51 -19.08
N SER A 38 -7.02 47.43 -19.38
CA SER A 38 -5.57 47.46 -19.50
C SER A 38 -5.06 46.15 -20.06
N LYS A 39 -3.74 46.00 -20.19
CA LYS A 39 -3.13 44.73 -20.59
C LYS A 39 -2.30 44.19 -19.41
N GLU A 40 -2.81 44.39 -18.20
CA GLU A 40 -2.30 43.71 -17.02
C GLU A 40 -3.13 42.44 -16.83
N THR A 41 -2.62 41.32 -17.34
CA THR A 41 -3.41 40.09 -17.46
C THR A 41 -2.90 39.07 -16.46
N PRO A 42 -3.60 38.87 -15.35
CA PRO A 42 -3.22 37.79 -14.42
C PRO A 42 -3.82 36.44 -14.78
N ALA A 43 -4.64 36.37 -15.82
CA ALA A 43 -5.30 35.12 -16.21
C ALA A 43 -4.45 34.29 -17.16
N LEU A 44 -3.25 34.74 -17.52
CA LEU A 44 -2.34 34.00 -18.37
C LEU A 44 -1.12 33.59 -17.56
N THR A 45 -0.70 32.34 -17.73
CA THR A 45 0.42 31.81 -16.96
C THR A 45 0.98 30.60 -17.69
N ALA A 46 1.97 29.97 -17.06
CA ALA A 46 2.59 28.75 -17.57
C ALA A 46 2.62 27.72 -16.45
N VAL A 47 2.05 26.54 -16.72
CA VAL A 47 2.08 25.45 -15.74
C VAL A 47 3.38 24.68 -15.75
N GLU A 48 4.26 24.94 -16.72
CA GLU A 48 5.50 24.18 -16.81
C GLU A 48 6.40 24.39 -15.61
N THR A 49 6.21 25.49 -14.88
CA THR A 49 7.01 25.73 -13.69
C THR A 49 6.52 24.92 -12.50
N GLY A 50 5.40 24.22 -12.65
CA GLY A 50 4.84 23.49 -11.53
C GLY A 50 4.33 24.38 -10.43
N ALA A 51 3.67 25.48 -10.78
CA ALA A 51 3.13 26.41 -9.79
C ALA A 51 1.70 26.76 -10.19
N THR A 52 0.91 27.14 -9.20
CA THR A 52 -0.50 27.45 -9.39
C THR A 52 -0.74 28.93 -9.13
N ASN A 53 -1.45 29.58 -10.05
CA ASN A 53 -1.78 30.99 -9.88
C ASN A 53 -2.89 31.14 -8.85
N PRO A 54 -2.67 31.89 -7.75
CA PRO A 54 -3.73 32.06 -6.75
C PRO A 54 -4.76 33.12 -7.14
N LEU A 55 -5.64 32.76 -8.07
CA LEU A 55 -6.63 33.69 -8.56
C LEU A 55 -7.82 33.77 -7.59
N VAL A 56 -8.58 34.85 -7.72
CA VAL A 56 -9.81 35.04 -6.95
C VAL A 56 -10.88 35.63 -7.83
N PRO A 57 -12.15 35.45 -7.45
CA PRO A 57 -13.24 35.96 -8.29
C PRO A 57 -13.16 37.44 -8.60
N SER A 58 -12.71 38.26 -7.63
CA SER A 58 -12.76 39.70 -7.79
C SER A 58 -11.88 40.21 -8.92
N ASP A 59 -10.92 39.42 -9.39
CA ASP A 59 -9.99 39.89 -10.42
C ASP A 59 -10.52 39.73 -11.83
N THR A 60 -11.71 39.13 -12.02
CA THR A 60 -12.24 38.93 -13.36
C THR A 60 -13.70 39.33 -13.50
N VAL A 61 -14.43 39.55 -12.40
CA VAL A 61 -15.84 39.90 -12.47
C VAL A 61 -16.15 40.91 -11.38
N GLN A 62 -17.25 41.64 -11.55
CA GLN A 62 -17.67 42.62 -10.56
C GLN A 62 -18.27 41.92 -9.35
N THR A 63 -17.96 42.42 -8.16
CA THR A 63 -18.35 41.78 -6.91
C THR A 63 -18.92 42.80 -5.95
N ARG A 64 -19.73 42.31 -5.01
CA ARG A 64 -20.27 43.13 -3.93
C ARG A 64 -19.57 42.81 -2.62
N HIS A 65 -19.66 43.75 -1.69
CA HIS A 65 -19.02 43.57 -0.38
C HIS A 65 -19.75 42.50 0.41
N VAL A 66 -19.00 41.49 0.86
CA VAL A 66 -19.56 40.37 1.60
C VAL A 66 -18.64 40.03 2.75
N ILE A 67 -19.19 39.45 3.81
CA ILE A 67 -18.45 39.10 5.01
C ILE A 67 -18.69 37.62 5.29
N GLN A 68 -17.60 36.86 5.41
CA GLN A 68 -17.68 35.42 5.62
C GLN A 68 -17.60 35.07 7.10
N LYS A 69 -18.20 33.93 7.45
CA LYS A 69 -18.15 33.41 8.80
C LYS A 69 -17.82 31.92 8.84
N ARG A 70 -17.74 31.25 7.69
CA ARG A 70 -17.45 29.83 7.66
C ARG A 70 -16.01 29.56 8.11
N THR A 71 -15.76 28.33 8.55
CA THR A 71 -14.47 27.96 9.11
C THR A 71 -14.04 26.60 8.58
N ARG A 72 -12.80 26.23 8.90
CA ARG A 72 -12.19 24.98 8.47
C ARG A 72 -11.91 24.04 9.63
N SER A 73 -12.73 24.10 10.69
CA SER A 73 -12.51 23.28 11.87
C SER A 73 -12.69 21.80 11.60
N GLU A 74 -13.64 21.41 10.76
CA GLU A 74 -13.92 20.01 10.50
C GLU A 74 -12.94 19.39 9.51
N SER A 75 -11.88 20.10 9.13
CA SER A 75 -10.92 19.61 8.16
C SER A 75 -9.58 19.19 8.77
N THR A 76 -9.39 19.35 10.08
CA THR A 76 -8.13 18.99 10.70
C THR A 76 -7.94 17.49 10.71
N VAL A 77 -6.67 17.06 10.75
CA VAL A 77 -6.38 15.62 10.78
C VAL A 77 -6.89 14.99 12.07
N GLU A 78 -6.79 15.69 13.19
CA GLU A 78 -7.24 15.10 14.45
C GLU A 78 -8.72 14.77 14.42
N SER A 79 -9.55 15.69 13.92
CA SER A 79 -10.96 15.40 13.70
C SER A 79 -11.18 14.43 12.55
N PHE A 80 -10.22 14.31 11.63
CA PHE A 80 -10.33 13.36 10.54
C PHE A 80 -10.16 11.92 11.05
N PHE A 81 -9.37 11.74 12.10
CA PHE A 81 -9.11 10.41 12.67
C PHE A 81 -9.88 10.15 13.96
N ALA A 82 -10.78 11.04 14.37
CA ALA A 82 -11.48 10.89 15.65
C ALA A 82 -12.69 9.97 15.49
N ARG A 83 -12.40 8.71 15.19
CA ARG A 83 -13.43 7.69 15.04
C ARG A 83 -12.81 6.34 15.36
N GLY A 84 -13.61 5.48 15.99
CA GLY A 84 -13.18 4.10 16.21
C GLY A 84 -13.69 3.19 15.11
N ALA A 85 -12.85 2.23 14.73
CA ALA A 85 -13.20 1.30 13.67
C ALA A 85 -12.72 -0.10 14.03
N CYS A 86 -13.44 -1.10 13.53
CA CYS A 86 -13.13 -2.49 13.80
C CYS A 86 -11.85 -2.91 13.09
N VAL A 87 -11.12 -3.86 13.70
CA VAL A 87 -9.88 -4.36 13.15
C VAL A 87 -9.88 -5.88 13.00
N ALA A 88 -10.34 -6.60 14.03
CA ALA A 88 -10.19 -8.05 14.02
C ALA A 88 -11.39 -8.70 14.72
N ILE A 89 -11.62 -9.96 14.37
CA ILE A 89 -12.64 -10.80 14.98
C ILE A 89 -11.95 -12.12 15.37
N ILE A 90 -12.16 -12.55 16.61
CA ILE A 90 -11.49 -13.72 17.16
C ILE A 90 -12.52 -14.69 17.71
N GLU A 91 -12.18 -15.98 17.71
CA GLU A 91 -13.10 -17.03 18.14
C GLU A 91 -12.39 -17.95 19.12
N VAL A 92 -13.15 -18.49 20.07
CA VAL A 92 -12.60 -19.36 21.11
C VAL A 92 -13.73 -20.20 21.68
N ASP A 93 -13.38 -21.37 22.20
CA ASP A 93 -14.36 -22.33 22.72
C ASP A 93 -14.05 -22.69 24.17
N ASN A 94 -14.97 -23.47 24.76
CA ASN A 94 -14.83 -23.97 26.12
C ASN A 94 -15.39 -25.40 26.16
N ASP A 95 -14.50 -26.38 26.34
CA ASP A 95 -14.92 -27.78 26.37
C ASP A 95 -13.89 -28.59 27.14
N ALA A 96 -14.32 -29.77 27.59
CA ALA A 96 -13.52 -30.63 28.46
C ALA A 96 -12.23 -31.13 27.80
N PRO A 97 -12.28 -31.65 26.57
CA PRO A 97 -11.08 -32.26 25.99
C PRO A 97 -9.84 -31.36 26.03
N SER A 102 -13.32 -26.57 18.88
CA SER A 102 -12.54 -27.58 19.59
C SER A 102 -11.27 -26.98 20.18
N LYS A 103 -10.84 -25.84 19.63
CA LYS A 103 -9.63 -25.18 20.11
C LYS A 103 -9.93 -24.35 21.36
N LEU A 104 -9.06 -24.47 22.36
CA LEU A 104 -9.29 -23.83 23.65
C LEU A 104 -8.58 -22.50 23.82
N PHE A 105 -7.67 -22.14 22.92
CA PHE A 105 -7.00 -20.84 22.98
C PHE A 105 -6.48 -20.49 21.59
N SER A 106 -6.26 -19.19 21.38
CA SER A 106 -5.91 -18.69 20.05
C SER A 106 -4.99 -17.48 20.18
N VAL A 107 -4.31 -17.16 19.08
CA VAL A 107 -3.37 -16.07 19.01
C VAL A 107 -3.67 -15.24 17.77
N TRP A 108 -3.35 -13.94 17.83
CA TRP A 108 -3.52 -13.04 16.70
C TRP A 108 -2.31 -12.14 16.57
N LYS A 109 -1.87 -11.89 15.34
CA LYS A 109 -0.72 -11.05 15.06
C LYS A 109 -1.18 -9.61 14.88
N ILE A 110 -0.52 -8.68 15.55
CA ILE A 110 -0.96 -7.29 15.54
C ILE A 110 -0.56 -6.63 14.23
N THR A 111 -1.54 -6.06 13.52
CA THR A 111 -1.28 -5.32 12.30
C THR A 111 -2.56 -4.65 11.85
N TYR A 112 -2.41 -3.48 11.24
CA TYR A 112 -3.52 -2.72 10.70
C TYR A 112 -3.79 -2.99 9.23
N LYS A 113 -3.08 -3.95 8.62
CA LYS A 113 -3.22 -4.20 7.18
C LYS A 113 -4.35 -5.16 6.85
N ASP A 114 -5.00 -5.76 7.85
CA ASP A 114 -5.99 -6.80 7.58
C ASP A 114 -7.33 -6.25 7.09
N THR A 115 -7.55 -4.94 7.21
CA THR A 115 -8.82 -4.34 6.81
C THR A 115 -8.54 -3.10 5.97
N VAL A 116 -9.51 -2.72 5.14
CA VAL A 116 -9.29 -1.68 4.15
C VAL A 116 -9.78 -0.32 4.64
N GLN A 117 -10.71 -0.28 5.58
CA GLN A 117 -11.33 0.98 5.96
C GLN A 117 -10.30 1.97 6.51
N LEU A 118 -9.51 1.53 7.50
CA LEU A 118 -8.51 2.41 8.08
C LEU A 118 -7.23 2.40 7.24
N ARG A 119 -6.95 1.30 6.56
CA ARG A 119 -5.73 1.21 5.75
C ARG A 119 -5.73 2.24 4.63
N ARG A 120 -6.87 2.39 3.94
CA ARG A 120 -6.93 3.36 2.85
C ARG A 120 -6.69 4.77 3.34
N LYS A 121 -7.26 5.12 4.49
CA LYS A 121 -7.05 6.45 5.06
C LYS A 121 -5.59 6.64 5.46
N LEU A 122 -4.97 5.63 6.07
CA LEU A 122 -3.59 5.77 6.51
C LEU A 122 -2.63 5.86 5.33
N GLU A 123 -2.92 5.18 4.21
CA GLU A 123 -2.04 5.27 3.05
C GLU A 123 -2.13 6.60 2.33
N PHE A 124 -2.88 7.58 2.84
CA PHE A 124 -2.81 8.93 2.29
C PHE A 124 -1.45 9.58 2.51
N PHE A 125 -0.68 9.09 3.49
CA PHE A 125 0.55 9.74 3.92
C PHE A 125 1.68 8.72 3.96
N THR A 126 2.92 9.22 3.92
CA THR A 126 4.08 8.34 3.93
C THR A 126 4.50 7.99 5.35
N TYR A 127 4.71 8.99 6.20
CA TYR A 127 5.17 8.79 7.57
C TYR A 127 4.15 9.36 8.54
N SER A 128 4.09 8.78 9.73
CA SER A 128 3.09 9.15 10.73
C SER A 128 3.66 8.99 12.12
N ARG A 129 2.96 9.56 13.10
CA ARG A 129 3.39 9.53 14.48
C ARG A 129 2.20 9.85 15.37
N PHE A 130 1.85 8.93 16.27
CA PHE A 130 0.67 9.13 17.11
C PHE A 130 0.69 8.14 18.26
N ASP A 131 -0.11 8.44 19.28
CA ASP A 131 -0.45 7.49 20.33
C ASP A 131 -1.65 6.66 19.89
N MET A 132 -1.97 5.64 20.67
CA MET A 132 -2.98 4.68 20.28
C MET A 132 -3.85 4.29 21.47
N GLU A 133 -5.07 3.88 21.18
CA GLU A 133 -6.03 3.48 22.20
C GLU A 133 -6.73 2.20 21.76
N PHE A 134 -7.20 1.41 22.73
CA PHE A 134 -7.79 0.10 22.46
C PHE A 134 -9.10 -0.09 23.22
N THR A 135 -9.92 -1.01 22.72
CA THR A 135 -11.17 -1.38 23.37
C THR A 135 -11.57 -2.77 22.90
N PHE A 136 -12.24 -3.52 23.77
CA PHE A 136 -12.58 -4.92 23.51
C PHE A 136 -14.06 -5.15 23.77
N VAL A 137 -14.66 -6.06 23.00
CA VAL A 137 -16.05 -6.47 23.16
C VAL A 137 -16.10 -7.99 23.19
N VAL A 138 -17.01 -8.54 24.00
CA VAL A 138 -17.14 -9.98 24.18
C VAL A 138 -18.58 -10.40 23.89
N THR A 139 -18.73 -11.59 23.30
CA THR A 139 -20.04 -12.15 23.02
C THR A 139 -19.96 -13.66 23.20
N SER A 140 -21.11 -14.28 23.45
CA SER A 140 -21.17 -15.72 23.65
C SER A 140 -22.56 -16.22 23.32
N ASN A 141 -22.66 -17.52 23.09
CA ASN A 141 -23.94 -18.13 22.72
C ASN A 141 -23.84 -19.64 22.92
N TYR A 142 -25.00 -20.26 23.07
CA TYR A 142 -25.08 -21.71 23.24
C TYR A 142 -24.94 -22.42 21.90
N THR A 143 -24.63 -23.72 21.98
CA THR A 143 -24.81 -24.61 20.85
C THR A 143 -26.02 -25.53 21.05
N ASP A 144 -26.25 -25.95 22.30
CA ASP A 144 -27.40 -26.77 22.64
C ASP A 144 -27.66 -26.73 24.14
N ALA A 145 -28.87 -26.36 24.54
CA ALA A 145 -29.21 -26.29 25.96
C ALA A 145 -29.80 -27.61 26.44
N ASN A 146 -29.68 -28.67 25.62
CA ASN A 146 -30.25 -29.95 25.98
C ASN A 146 -29.51 -30.61 27.13
N ASN A 147 -28.18 -30.48 27.19
CA ASN A 147 -27.42 -31.14 28.23
C ASN A 147 -27.59 -30.51 29.60
N GLY A 148 -27.79 -29.20 29.67
CA GLY A 148 -27.92 -28.54 30.95
C GLY A 148 -27.71 -27.05 30.81
N HIS A 149 -27.27 -26.43 31.90
CA HIS A 149 -27.01 -25.00 31.92
C HIS A 149 -25.69 -24.76 32.64
N ALA A 150 -25.06 -23.63 32.32
CA ALA A 150 -23.73 -23.30 32.83
C ALA A 150 -23.74 -21.92 33.46
N LEU A 151 -22.80 -21.71 34.38
CA LEU A 151 -22.72 -20.46 35.12
C LEU A 151 -22.01 -19.38 34.28
N ASN A 152 -21.74 -18.26 34.93
CA ASN A 152 -21.09 -17.14 34.26
C ASN A 152 -19.66 -17.52 33.87
N GLN A 153 -19.05 -16.68 33.04
CA GLN A 153 -17.74 -16.97 32.46
C GLN A 153 -16.78 -15.82 32.73
N VAL A 154 -15.49 -16.12 32.65
CA VAL A 154 -14.42 -15.13 32.80
C VAL A 154 -13.43 -15.35 31.67
N TYR A 155 -12.98 -14.24 31.07
CA TYR A 155 -12.03 -14.28 29.96
C TYR A 155 -10.73 -13.60 30.35
N GLN A 156 -9.63 -14.07 29.77
CA GLN A 156 -8.29 -13.57 30.07
C GLN A 156 -7.61 -13.11 28.78
N ILE A 157 -6.86 -12.01 28.89
CA ILE A 157 -6.06 -11.49 27.79
C ILE A 157 -4.67 -11.14 28.31
N MET A 158 -3.64 -11.52 27.56
CA MET A 158 -2.26 -11.24 27.93
C MET A 158 -1.50 -10.72 26.72
N TYR A 159 -0.50 -9.90 26.97
CA TYR A 159 0.31 -9.27 25.92
C TYR A 159 1.70 -9.91 25.91
N ILE A 160 2.16 -10.28 24.73
CA ILE A 160 3.41 -10.99 24.55
C ILE A 160 4.36 -10.12 23.73
N PRO A 161 5.34 -9.47 24.36
CA PRO A 161 6.35 -8.76 23.60
C PRO A 161 7.18 -9.71 22.75
N PRO A 162 7.88 -9.20 21.74
CA PRO A 162 8.70 -10.10 20.92
C PRO A 162 9.77 -10.79 21.75
N GLY A 163 10.04 -12.06 21.40
CA GLY A 163 11.05 -12.84 22.07
C GLY A 163 10.57 -13.64 23.25
N ALA A 164 9.33 -13.44 23.70
CA ALA A 164 8.83 -14.18 24.84
C ALA A 164 8.37 -15.58 24.43
N PRO A 165 8.37 -16.53 25.36
CA PRO A 165 7.89 -17.87 25.04
C PRO A 165 6.40 -17.91 24.75
N ILE A 166 6.00 -18.87 23.92
CA ILE A 166 4.60 -18.99 23.53
C ILE A 166 3.94 -20.08 24.40
N PRO A 167 2.72 -19.87 24.89
CA PRO A 167 2.05 -20.93 25.64
C PRO A 167 1.84 -22.18 24.79
N GLY A 168 1.94 -23.34 25.42
CA GLY A 168 1.77 -24.60 24.73
C GLY A 168 0.46 -25.28 25.05
N LYS A 169 -0.24 -24.80 26.06
CA LYS A 169 -1.51 -25.40 26.48
C LYS A 169 -2.36 -24.34 27.15
N TRP A 170 -3.66 -24.63 27.24
CA TRP A 170 -4.57 -23.75 27.98
C TRP A 170 -4.21 -23.68 29.46
N ASN A 171 -3.49 -24.67 29.98
CA ASN A 171 -3.12 -24.72 31.39
C ASN A 171 -1.60 -24.61 31.59
N ASP A 172 -0.90 -23.96 30.67
CA ASP A 172 0.55 -23.93 30.72
C ASP A 172 1.04 -23.07 31.89
N TYR A 173 2.30 -23.29 32.27
CA TYR A 173 2.91 -22.51 33.34
C TYR A 173 3.17 -21.07 32.92
N THR A 174 3.12 -20.78 31.62
CA THR A 174 3.45 -19.45 31.13
C THR A 174 2.39 -18.41 31.48
N TRP A 175 1.19 -18.84 31.89
CA TRP A 175 0.11 -17.90 32.17
C TRP A 175 0.28 -17.16 33.49
N GLN A 176 1.37 -17.40 34.22
CA GLN A 176 1.58 -16.70 35.49
C GLN A 176 1.79 -15.20 35.31
N THR A 177 2.26 -14.76 34.13
CA THR A 177 2.39 -13.34 33.79
C THR A 177 3.05 -12.53 34.90
N SER A 178 4.19 -12.98 35.40
CA SER A 178 4.91 -12.21 36.41
C SER A 178 5.45 -10.89 35.87
N SER A 179 5.58 -10.71 34.55
CA SER A 179 6.08 -9.47 34.00
C SER A 179 5.23 -8.97 32.84
N ASN A 180 4.58 -9.89 32.12
CA ASN A 180 3.77 -9.50 30.98
C ASN A 180 2.43 -8.95 31.46
N PRO A 181 2.04 -7.75 31.03
CA PRO A 181 0.71 -7.23 31.42
C PRO A 181 -0.40 -8.14 30.94
N SER A 182 -1.45 -8.25 31.76
CA SER A 182 -2.63 -9.03 31.41
C SER A 182 -3.86 -8.33 31.96
N VAL A 183 -5.01 -8.60 31.35
CA VAL A 183 -6.27 -7.95 31.69
C VAL A 183 -7.33 -9.02 31.89
N PHE A 184 -8.19 -8.82 32.88
CA PHE A 184 -9.29 -9.72 33.18
C PHE A 184 -10.62 -8.99 32.98
N TYR A 185 -11.54 -9.63 32.26
CA TYR A 185 -12.83 -9.05 31.93
C TYR A 185 -13.94 -10.00 32.37
N THR A 186 -15.00 -9.43 32.94
CA THR A 186 -16.14 -10.20 33.42
C THR A 186 -17.32 -10.01 32.47
N TYR A 187 -18.00 -11.12 32.15
CA TYR A 187 -19.11 -11.08 31.20
C TYR A 187 -20.26 -10.26 31.77
N GLY A 188 -20.76 -9.31 30.98
CA GLY A 188 -21.84 -8.43 31.39
C GLY A 188 -21.39 -7.06 31.84
N ALA A 189 -20.10 -6.86 32.07
CA ALA A 189 -19.56 -5.57 32.46
C ALA A 189 -19.30 -4.72 31.22
N PRO A 190 -19.15 -3.40 31.38
CA PRO A 190 -18.92 -2.55 30.21
C PRO A 190 -17.54 -2.79 29.64
N PRO A 191 -17.31 -2.40 28.38
CA PRO A 191 -16.03 -2.71 27.73
C PRO A 191 -14.84 -2.10 28.44
N ALA A 192 -13.70 -2.76 28.32
CA ALA A 192 -12.44 -2.24 28.83
C ALA A 192 -11.84 -1.23 27.87
N ARG A 193 -10.78 -0.55 28.32
CA ARG A 193 -10.18 0.51 27.52
C ARG A 193 -8.73 0.67 27.95
N ILE A 194 -7.84 0.93 26.98
CA ILE A 194 -6.40 0.94 27.22
C ILE A 194 -5.75 2.00 26.34
N SER A 195 -4.64 2.56 26.82
CA SER A 195 -3.85 3.54 26.07
C SER A 195 -2.37 3.19 26.13
N VAL A 196 -1.65 3.48 25.05
CA VAL A 196 -0.21 3.25 25.00
C VAL A 196 0.46 4.39 24.26
N PRO A 197 1.74 4.62 24.54
CA PRO A 197 2.49 5.67 23.85
C PRO A 197 3.11 5.18 22.55
N TYR A 198 3.83 6.07 21.89
CA TYR A 198 4.60 5.72 20.71
C TYR A 198 5.77 4.83 21.09
N VAL A 199 5.94 3.72 20.37
CA VAL A 199 6.94 2.71 20.74
C VAL A 199 7.83 2.37 19.55
N GLY A 200 7.93 3.27 18.59
CA GLY A 200 8.80 3.01 17.45
C GLY A 200 10.27 3.09 17.83
N ILE A 201 11.09 2.28 17.14
CA ILE A 201 12.53 2.34 17.31
C ILE A 201 13.17 3.41 16.44
N ALA A 202 12.53 3.80 15.34
CA ALA A 202 12.98 4.93 14.54
C ALA A 202 12.34 6.21 15.09
N ASN A 203 12.49 7.30 14.34
CA ASN A 203 11.88 8.56 14.74
C ASN A 203 10.42 8.67 14.31
N ALA A 204 9.91 7.71 13.54
CA ALA A 204 8.53 7.73 13.09
C ALA A 204 8.20 6.41 12.44
N TYR A 205 6.91 6.12 12.33
CA TYR A 205 6.45 4.94 11.62
C TYR A 205 6.63 5.12 10.12
N SER A 206 6.85 4.01 9.43
CA SER A 206 7.04 4.00 7.98
C SER A 206 6.01 3.05 7.37
N HIS A 207 5.22 3.55 6.43
CA HIS A 207 4.22 2.75 5.74
C HIS A 207 4.72 2.14 4.45
N PHE A 208 5.90 2.52 3.98
CA PHE A 208 6.50 1.93 2.78
C PHE A 208 7.99 1.76 3.01
N TYR A 209 8.57 0.80 2.30
CA TYR A 209 10.00 0.52 2.45
C TYR A 209 10.49 -0.11 1.15
N ASP A 210 11.21 0.67 0.34
CA ASP A 210 11.71 0.20 -0.95
C ASP A 210 13.13 -0.33 -0.75
N GLY A 211 13.21 -1.56 -0.26
CA GLY A 211 14.50 -2.16 0.01
C GLY A 211 14.35 -3.56 0.56
N PHE A 212 15.49 -4.10 1.01
CA PHE A 212 15.56 -5.48 1.49
C PHE A 212 16.24 -5.50 2.85
N ALA A 213 15.97 -6.56 3.61
CA ALA A 213 16.62 -6.75 4.90
C ALA A 213 18.06 -7.25 4.74
N LYS A 214 18.33 -7.98 3.67
CA LYS A 214 19.63 -8.61 3.46
C LYS A 214 20.21 -8.23 2.11
N VAL A 215 21.51 -8.44 1.99
CA VAL A 215 22.25 -8.20 0.74
C VAL A 215 22.92 -9.51 0.34
N PRO A 216 22.68 -10.03 -0.87
CA PRO A 216 23.34 -11.29 -1.27
C PRO A 216 24.76 -11.04 -1.73
N LEU A 217 25.71 -11.76 -1.15
CA LEU A 217 27.12 -11.64 -1.50
C LEU A 217 27.57 -12.83 -2.33
N ALA A 218 28.78 -12.71 -2.89
CA ALA A 218 29.32 -13.76 -3.73
C ALA A 218 29.59 -15.03 -2.92
N GLY A 219 29.66 -16.15 -3.62
CA GLY A 219 29.87 -17.42 -2.96
C GLY A 219 28.67 -17.94 -2.21
N GLN A 220 27.46 -17.58 -2.64
CA GLN A 220 26.24 -17.94 -1.97
C GLN A 220 25.17 -18.23 -3.02
N ALA A 221 24.69 -19.48 -3.03
CA ALA A 221 23.90 -19.94 -4.17
C ALA A 221 22.44 -19.51 -4.07
N SER A 222 21.70 -20.04 -3.09
CA SER A 222 20.27 -19.76 -3.00
C SER A 222 19.84 -19.37 -1.59
N THR A 223 20.42 -19.99 -0.58
CA THR A 223 19.89 -19.92 0.78
C THR A 223 20.37 -18.70 1.56
N GLU A 224 21.43 -18.05 1.11
CA GLU A 224 21.94 -16.88 1.82
C GLU A 224 21.64 -15.61 1.04
N GLY A 225 21.12 -14.61 1.75
CA GLY A 225 20.82 -13.33 1.14
C GLY A 225 19.42 -13.30 0.54
N ASP A 226 18.77 -14.45 0.48
CA ASP A 226 17.41 -14.50 -0.04
C ASP A 226 16.43 -13.90 0.98
N SER A 227 15.74 -12.84 0.57
CA SER A 227 14.81 -12.15 1.44
C SER A 227 13.70 -11.55 0.60
N LEU A 228 12.58 -11.23 1.25
CA LEU A 228 11.41 -10.74 0.54
C LEU A 228 11.48 -9.22 0.37
N TYR A 229 10.99 -8.76 -0.78
CA TYR A 229 10.97 -7.33 -1.08
C TYR A 229 9.97 -6.63 -0.17
N GLY A 230 10.40 -5.51 0.41
CA GLY A 230 9.57 -4.76 1.33
C GLY A 230 9.53 -5.28 2.74
N ALA A 231 10.45 -6.18 3.11
CA ALA A 231 10.42 -6.79 4.43
C ALA A 231 10.66 -5.76 5.53
N ALA A 232 10.01 -5.96 6.67
CA ALA A 232 10.18 -5.10 7.82
C ALA A 232 11.22 -5.67 8.77
N SER A 233 11.30 -5.13 9.99
CA SER A 233 12.24 -5.62 10.98
C SER A 233 12.02 -7.10 11.27
N LEU A 234 12.93 -7.70 12.04
CA LEU A 234 12.83 -9.12 12.35
C LEU A 234 11.52 -9.45 13.04
N ASN A 235 11.09 -8.63 13.98
CA ASN A 235 9.80 -8.79 14.65
C ASN A 235 9.22 -7.43 14.96
N ASP A 236 7.97 -7.21 14.55
CA ASP A 236 7.39 -5.88 14.61
C ASP A 236 6.84 -5.53 16.00
N PHE A 237 5.78 -6.21 16.44
CA PHE A 237 5.10 -5.84 17.69
C PHE A 237 4.58 -7.04 18.48
N GLY A 238 4.92 -8.26 18.09
CA GLY A 238 4.47 -9.42 18.86
C GLY A 238 3.02 -9.75 18.57
N SER A 239 2.35 -10.33 19.57
CA SER A 239 1.00 -10.85 19.38
C SER A 239 0.26 -10.86 20.72
N LEU A 240 -0.99 -11.30 20.67
CA LEU A 240 -1.84 -11.39 21.85
C LEU A 240 -2.36 -12.82 22.00
N ALA A 241 -2.66 -13.21 23.24
CA ALA A 241 -3.15 -14.55 23.56
C ALA A 241 -4.44 -14.43 24.36
N VAL A 242 -5.32 -15.42 24.21
CA VAL A 242 -6.65 -15.40 24.83
C VAL A 242 -6.97 -16.79 25.35
N ARG A 243 -7.68 -16.86 26.48
CA ARG A 243 -8.23 -18.11 26.97
C ARG A 243 -9.38 -17.82 27.92
N VAL A 244 -10.07 -18.89 28.31
CA VAL A 244 -11.13 -18.84 29.32
C VAL A 244 -10.64 -19.53 30.58
N VAL A 245 -11.02 -19.00 31.74
CA VAL A 245 -10.50 -19.51 33.01
C VAL A 245 -11.39 -20.62 33.59
N ASN A 246 -12.70 -20.48 33.49
CA ASN A 246 -13.60 -21.42 34.15
C ASN A 246 -13.39 -22.83 33.61
N ASP A 247 -13.54 -23.81 34.50
CA ASP A 247 -13.39 -25.20 34.11
C ASP A 247 -14.51 -25.63 33.17
N HIS A 248 -14.28 -26.73 32.46
CA HIS A 248 -15.21 -27.18 31.44
C HIS A 248 -16.56 -27.53 32.05
N ASN A 249 -17.62 -27.02 31.43
CA ASN A 249 -18.98 -27.44 31.75
C ASN A 249 -19.26 -28.75 31.03
N PRO A 250 -20.32 -29.47 31.42
CA PRO A 250 -20.62 -30.73 30.73
C PRO A 250 -21.20 -30.53 29.34
N THR A 251 -21.23 -29.28 28.86
CA THR A 251 -21.70 -28.98 27.52
C THR A 251 -20.82 -27.89 26.92
N LYS A 252 -20.83 -27.82 25.58
CA LYS A 252 -19.97 -26.90 24.86
C LYS A 252 -20.60 -25.51 24.75
N LEU A 253 -19.75 -24.49 24.73
CA LEU A 253 -20.17 -23.11 24.50
C LEU A 253 -19.22 -22.45 23.50
N THR A 254 -19.66 -21.34 22.93
CA THR A 254 -18.90 -20.60 21.93
C THR A 254 -18.85 -19.13 22.30
N SER A 255 -17.74 -18.47 21.97
CA SER A 255 -17.57 -17.06 22.28
C SER A 255 -16.70 -16.40 21.22
N LYS A 256 -16.83 -15.07 21.12
CA LYS A 256 -16.05 -14.28 20.18
C LYS A 256 -15.57 -13.01 20.87
N ILE A 257 -14.55 -12.39 20.27
CA ILE A 257 -13.98 -11.14 20.77
C ILE A 257 -13.73 -10.22 19.57
N ARG A 258 -13.99 -8.94 19.76
CA ARG A 258 -13.76 -7.93 18.73
C ARG A 258 -12.91 -6.80 19.29
N VAL A 259 -12.17 -6.13 18.41
CA VAL A 259 -11.19 -5.11 18.79
C VAL A 259 -11.48 -3.84 18.01
N TYR A 260 -11.39 -2.70 18.69
CA TYR A 260 -11.54 -1.39 18.06
C TYR A 260 -10.34 -0.52 18.43
N MET A 261 -9.98 0.40 17.52
CA MET A 261 -8.76 1.19 17.64
C MET A 261 -9.07 2.66 17.42
N LYS A 262 -8.31 3.53 18.09
CA LYS A 262 -8.55 4.97 18.05
C LYS A 262 -7.24 5.73 18.22
N PRO A 263 -6.73 6.38 17.18
CA PRO A 263 -5.52 7.20 17.33
C PRO A 263 -5.82 8.53 18.01
N LYS A 264 -4.76 9.22 18.41
CA LYS A 264 -4.86 10.56 18.94
C LYS A 264 -3.47 11.18 19.01
N HIS A 265 -3.44 12.52 18.99
CA HIS A 265 -2.18 13.26 18.92
C HIS A 265 -1.39 12.89 17.67
N VAL A 266 -1.95 13.23 16.51
CA VAL A 266 -1.44 12.72 15.25
C VAL A 266 -0.54 13.75 14.57
N ARG A 267 0.39 13.25 13.76
CA ARG A 267 1.22 14.09 12.89
C ARG A 267 1.56 13.33 11.62
N VAL A 268 1.78 14.07 10.53
CA VAL A 268 2.13 13.50 9.24
C VAL A 268 3.05 14.47 8.52
N TRP A 269 3.83 13.94 7.57
CA TRP A 269 4.85 14.74 6.88
C TRP A 269 4.90 14.59 5.37
N CYS A 270 4.13 13.69 4.77
CA CYS A 270 4.20 13.57 3.31
C CYS A 270 2.93 12.95 2.74
N PRO A 271 2.34 13.55 1.70
CA PRO A 271 1.11 13.00 1.14
C PRO A 271 1.35 12.02 0.00
N ARG A 272 0.29 11.32 -0.37
CA ARG A 272 0.28 10.40 -1.51
C ARG A 272 -1.13 10.32 -2.08
N PRO A 273 -1.27 9.91 -3.34
CA PRO A 273 -2.61 9.72 -3.90
C PRO A 273 -3.26 8.48 -3.34
N PRO A 274 -4.59 8.40 -3.37
CA PRO A 274 -5.29 7.27 -2.75
C PRO A 274 -5.32 6.03 -3.62
N ARG A 275 -5.70 4.91 -2.99
CA ARG A 275 -5.87 3.66 -3.71
C ARG A 275 -7.11 3.71 -4.60
N ALA A 276 -7.09 2.97 -5.71
CA ALA A 276 -8.20 2.92 -6.64
C ALA A 276 -8.57 1.52 -7.10
N VAL A 277 -7.87 0.48 -6.63
CA VAL A 277 -8.19 -0.89 -7.02
C VAL A 277 -8.20 -1.77 -5.78
N PRO A 278 -8.85 -2.93 -5.86
CA PRO A 278 -8.92 -3.81 -4.69
C PRO A 278 -7.53 -4.21 -4.19
N TYR A 279 -7.41 -4.31 -2.87
CA TYR A 279 -6.16 -4.72 -2.26
C TYR A 279 -5.91 -6.20 -2.49
N TYR A 280 -4.62 -6.57 -2.50
CA TYR A 280 -4.23 -7.97 -2.71
C TYR A 280 -2.90 -8.18 -2.01
N GLY A 281 -2.93 -8.75 -0.81
CA GLY A 281 -1.73 -8.97 -0.04
C GLY A 281 -1.26 -7.69 0.64
N PRO A 282 -0.30 -7.81 1.55
CA PRO A 282 0.22 -6.61 2.23
C PRO A 282 0.89 -5.62 1.28
N GLY A 283 1.35 -6.06 0.12
CA GLY A 283 2.05 -5.21 -0.81
C GLY A 283 1.11 -4.45 -1.73
N VAL A 284 1.69 -3.91 -2.81
CA VAL A 284 0.92 -3.14 -3.78
C VAL A 284 0.51 -3.97 -4.99
N ASP A 285 0.54 -5.30 -4.90
CA ASP A 285 0.24 -6.13 -6.04
C ASP A 285 -1.24 -6.01 -6.40
N TYR A 286 -1.56 -6.34 -7.65
CA TYR A 286 -2.93 -6.29 -8.13
C TYR A 286 -3.12 -7.35 -9.20
N LYS A 287 -4.30 -7.98 -9.19
CA LYS A 287 -4.60 -8.98 -10.22
C LYS A 287 -6.05 -8.96 -10.67
N ASP A 288 -6.86 -7.96 -10.30
CA ASP A 288 -8.26 -7.95 -10.69
C ASP A 288 -8.84 -6.56 -10.42
N GLY A 289 -10.06 -6.36 -10.92
CA GLY A 289 -10.73 -5.08 -10.74
C GLY A 289 -10.12 -3.94 -11.53
N LEU A 290 -9.61 -4.21 -12.72
CA LEU A 290 -8.91 -3.20 -13.52
C LEU A 290 -9.80 -2.55 -14.56
N ALA A 291 -10.97 -2.03 -14.16
CA ALA A 291 -11.86 -1.31 -15.09
C ALA A 291 -12.92 -0.57 -14.29
N PRO A 292 -12.51 0.43 -13.49
CA PRO A 292 -13.50 1.14 -12.66
C PRO A 292 -14.29 2.21 -13.39
N LEU A 293 -13.87 2.64 -14.58
CA LEU A 293 -14.51 3.78 -15.23
C LEU A 293 -15.51 3.33 -16.29
N PRO A 294 -16.76 3.82 -16.23
CA PRO A 294 -17.74 3.45 -17.26
C PRO A 294 -17.69 4.36 -18.48
N GLY A 295 -18.50 4.00 -19.47
CA GLY A 295 -18.55 4.77 -20.70
C GLY A 295 -19.54 5.92 -20.64
N LYS A 296 -19.31 6.92 -21.49
CA LYS A 296 -20.19 8.07 -21.60
C LYS A 296 -19.79 8.86 -22.83
N GLY A 297 -20.75 9.63 -23.33
CA GLY A 297 -20.51 10.47 -24.49
C GLY A 297 -19.62 11.67 -24.15
N LEU A 298 -19.15 12.34 -25.20
CA LEU A 298 -18.26 13.48 -25.01
C LEU A 298 -19.03 14.79 -24.91
N THR A 299 -20.23 14.85 -25.50
CA THR A 299 -21.01 16.08 -25.51
C THR A 299 -22.35 15.90 -24.79
N THR A 300 -22.33 15.23 -23.64
CA THR A 300 -23.53 15.00 -22.85
C THR A 300 -23.36 15.66 -21.49
N TYR A 301 -24.38 16.40 -21.07
CA TYR A 301 -24.34 17.13 -19.81
C TYR A 301 -24.55 16.20 -18.63
N SER B 10 16.32 37.09 -18.36
CA SER B 10 15.31 36.76 -17.31
C SER B 10 15.44 35.29 -16.91
N VAL B 11 14.33 34.67 -16.54
CA VAL B 11 14.35 33.27 -16.14
C VAL B 11 14.60 32.33 -17.31
N ARG B 12 14.63 32.85 -18.54
CA ARG B 12 14.84 32.01 -19.71
C ARG B 12 16.29 31.54 -19.86
N VAL B 13 17.22 32.10 -19.09
CA VAL B 13 18.64 31.77 -19.18
C VAL B 13 19.15 31.42 -17.79
N MET B 14 20.07 30.44 -17.73
CA MET B 14 20.66 30.00 -16.48
C MET B 14 22.05 29.45 -16.76
N GLN B 15 22.84 29.27 -15.70
CA GLN B 15 24.16 28.67 -15.80
C GLN B 15 24.36 27.65 -14.69
N LEU B 16 24.77 26.44 -15.08
CA LEU B 16 25.13 25.40 -14.13
C LEU B 16 26.15 24.50 -14.82
N THR B 17 27.38 24.49 -14.30
CA THR B 17 28.45 23.69 -14.90
C THR B 17 29.63 23.56 -13.94
N LEU B 18 30.09 22.33 -13.71
CA LEU B 18 31.16 22.07 -12.77
C LEU B 18 32.05 20.95 -13.31
N GLY B 19 33.33 21.00 -12.93
CA GLY B 19 34.22 19.88 -13.20
C GLY B 19 34.54 19.63 -14.66
N ASN B 20 35.31 20.54 -15.27
CA ASN B 20 36.04 20.42 -16.55
C ASN B 20 35.13 20.09 -17.73
N SER B 21 33.81 20.11 -17.57
CA SER B 21 32.90 19.96 -18.70
C SER B 21 32.31 21.31 -19.07
N THR B 22 31.50 21.32 -20.13
CA THR B 22 30.85 22.55 -20.57
C THR B 22 29.75 22.20 -21.57
N ILE B 23 28.61 22.87 -21.42
CA ILE B 23 27.44 22.63 -22.25
C ILE B 23 26.77 23.97 -22.55
N THR B 24 25.90 23.97 -23.56
CA THR B 24 25.19 25.17 -24.01
C THR B 24 23.72 25.08 -23.62
N THR B 25 23.19 26.13 -23.02
CA THR B 25 21.80 26.20 -22.56
C THR B 25 21.29 27.62 -22.63
N GLN B 26 20.13 27.81 -23.27
CA GLN B 26 19.58 29.15 -23.43
C GLN B 26 18.05 29.25 -23.26
N GLU B 27 17.35 28.17 -22.93
CA GLU B 27 15.88 28.20 -22.91
C GLU B 27 15.30 27.50 -21.69
N ALA B 28 16.00 27.52 -20.56
CA ALA B 28 15.51 26.84 -19.38
C ALA B 28 14.42 27.66 -18.69
N ALA B 29 13.41 26.96 -18.18
CA ALA B 29 12.39 27.61 -17.36
C ALA B 29 12.91 27.80 -15.94
N ASN B 30 12.03 28.22 -15.05
CA ASN B 30 12.43 28.46 -13.67
C ASN B 30 12.76 27.15 -12.97
N SER B 31 13.50 27.24 -11.88
CA SER B 31 13.93 26.09 -11.12
C SER B 31 12.86 25.68 -10.11
N VAL B 32 13.05 24.49 -9.54
CA VAL B 32 12.10 23.92 -8.59
C VAL B 32 12.88 23.42 -7.37
N VAL B 33 12.30 23.64 -6.19
CA VAL B 33 12.85 23.15 -4.93
C VAL B 33 11.77 22.33 -4.25
N ALA B 34 12.11 21.11 -3.84
CA ALA B 34 11.13 20.22 -3.24
C ALA B 34 10.78 20.68 -1.84
N TYR B 35 9.54 21.09 -1.64
CA TYR B 35 9.04 21.55 -0.35
C TYR B 35 9.81 22.74 0.20
N GLY B 36 10.54 23.45 -0.66
CA GLY B 36 11.25 24.64 -0.22
C GLY B 36 12.29 24.42 0.85
N ARG B 37 13.10 23.37 0.74
CA ARG B 37 14.15 23.07 1.69
C ARG B 37 15.48 22.93 0.97
N TRP B 38 16.52 23.52 1.54
CA TRP B 38 17.84 23.41 0.93
C TRP B 38 18.70 22.40 1.70
N PRO B 39 19.51 21.60 1.01
CA PRO B 39 20.28 20.57 1.72
C PRO B 39 21.28 21.16 2.71
N GLU B 40 21.58 20.40 3.76
CA GLU B 40 22.49 20.84 4.80
C GLU B 40 23.15 19.63 5.44
N TYR B 41 24.22 19.89 6.18
CA TYR B 41 24.90 18.84 6.93
C TYR B 41 24.15 18.53 8.22
N ILE B 42 24.63 17.49 8.92
CA ILE B 42 23.96 17.07 10.15
C ILE B 42 24.36 17.97 11.29
N LYS B 43 23.41 18.25 12.19
CA LYS B 43 23.66 19.07 13.35
C LYS B 43 24.07 18.21 14.54
N ASP B 44 24.82 18.81 15.46
CA ASP B 44 25.35 18.06 16.60
C ASP B 44 24.23 17.59 17.54
N SER B 45 23.05 18.21 17.47
CA SER B 45 21.95 17.88 18.37
C SER B 45 21.04 16.80 17.79
N GLU B 46 21.38 16.24 16.63
CA GLU B 46 20.54 15.21 16.02
C GLU B 46 21.36 14.03 15.51
N ALA B 47 22.61 13.88 15.91
CA ALA B 47 23.40 12.75 15.47
C ALA B 47 23.00 11.49 16.24
N ASN B 48 23.63 10.37 15.87
CA ASN B 48 23.39 9.11 16.56
C ASN B 48 24.68 8.29 16.66
N PRO B 49 25.48 8.19 15.59
CA PRO B 49 26.83 7.65 15.77
C PRO B 49 27.70 8.56 16.62
N VAL B 50 28.94 8.15 16.83
CA VAL B 50 29.89 8.90 17.63
C VAL B 50 31.24 9.10 16.94
N ASP B 51 31.54 8.36 15.88
CA ASP B 51 32.84 8.45 15.26
C ASP B 51 32.91 9.67 14.34
N GLN B 52 34.13 10.07 14.01
CA GLN B 52 34.34 11.25 13.17
C GLN B 52 34.07 10.88 11.71
N PRO B 53 33.15 11.57 11.03
CA PRO B 53 32.87 11.23 9.63
C PRO B 53 33.92 11.81 8.69
N THR B 54 33.70 11.57 7.39
CA THR B 54 34.54 12.10 6.33
C THR B 54 33.67 12.86 5.33
N GLU B 55 34.29 13.83 4.65
CA GLU B 55 33.58 14.72 3.73
C GLU B 55 34.41 14.90 2.47
N PRO B 56 34.18 14.11 1.43
CA PRO B 56 34.99 14.23 0.21
C PRO B 56 34.92 15.60 -0.45
N ASP B 57 33.83 16.35 -0.27
CA ASP B 57 33.68 17.68 -0.87
C ASP B 57 33.64 17.50 -2.39
N VAL B 58 34.42 18.25 -3.17
CA VAL B 58 34.28 18.22 -4.62
C VAL B 58 34.76 16.92 -5.24
N ALA B 59 35.33 16.01 -4.45
CA ALA B 59 35.75 14.73 -4.98
C ALA B 59 34.59 13.86 -5.45
N ALA B 60 33.36 14.17 -5.01
CA ALA B 60 32.20 13.37 -5.42
C ALA B 60 31.04 14.24 -5.89
N CYS B 61 31.06 15.53 -5.53
CA CYS B 61 29.98 16.44 -5.89
C CYS B 61 30.27 17.08 -7.26
N ARG B 62 29.93 16.33 -8.30
CA ARG B 62 30.10 16.79 -9.67
C ARG B 62 29.11 16.06 -10.57
N PHE B 63 28.89 16.63 -11.76
CA PHE B 63 27.90 16.12 -12.68
C PHE B 63 28.36 14.82 -13.34
N TYR B 64 27.44 13.87 -13.46
CA TYR B 64 27.67 12.62 -14.15
C TYR B 64 26.65 12.45 -15.26
N THR B 65 27.04 11.79 -16.34
CA THR B 65 26.22 11.62 -17.53
C THR B 65 25.82 10.15 -17.66
N LEU B 66 24.54 9.92 -17.93
CA LEU B 66 24.01 8.56 -18.05
C LEU B 66 23.82 8.20 -19.52
N ASP B 67 23.31 6.99 -19.75
CA ASP B 67 23.12 6.50 -21.10
C ASP B 67 22.00 7.26 -21.81
N THR B 68 22.00 7.18 -23.13
CA THR B 68 21.01 7.88 -23.93
C THR B 68 19.93 6.91 -24.42
N VAL B 69 18.73 7.43 -24.62
CA VAL B 69 17.58 6.63 -25.04
C VAL B 69 16.92 7.31 -26.23
N THR B 70 16.05 6.56 -26.91
CA THR B 70 15.34 7.03 -28.09
C THR B 70 13.86 7.20 -27.77
N TRP B 71 13.29 8.33 -28.15
CA TRP B 71 11.85 8.55 -28.03
C TRP B 71 11.20 8.19 -29.36
N ARG B 72 10.20 7.31 -29.31
CA ARG B 72 9.48 6.89 -30.50
C ARG B 72 8.00 7.19 -30.33
N LYS B 73 7.23 6.97 -31.39
CA LYS B 73 5.82 7.32 -31.38
C LYS B 73 5.04 6.49 -30.35
N GLU B 74 5.35 5.20 -30.27
CA GLU B 74 4.61 4.28 -29.41
C GLU B 74 5.33 3.96 -28.10
N SER B 75 6.36 4.72 -27.74
CA SER B 75 7.05 4.50 -26.48
C SER B 75 6.10 4.73 -25.31
N ARG B 76 6.38 4.06 -24.20
CA ARG B 76 5.49 4.08 -23.04
C ARG B 76 6.03 4.92 -21.89
N GLY B 77 7.27 4.74 -21.50
CA GLY B 77 7.83 5.49 -20.40
C GLY B 77 9.13 4.87 -19.91
N TRP B 78 9.71 5.51 -18.90
CA TRP B 78 10.98 5.07 -18.33
C TRP B 78 10.96 5.33 -16.83
N TRP B 79 11.80 4.60 -16.11
CA TRP B 79 11.91 4.76 -14.66
C TRP B 79 13.31 4.37 -14.21
N TRP B 80 13.79 5.06 -13.17
CA TRP B 80 15.11 4.80 -12.60
C TRP B 80 15.02 4.81 -11.08
N LYS B 81 16.10 4.37 -10.44
CA LYS B 81 16.23 4.36 -8.99
C LYS B 81 17.53 5.04 -8.59
N LEU B 82 17.51 5.66 -7.40
CA LEU B 82 18.68 6.30 -6.83
C LEU B 82 18.82 5.88 -5.37
N PRO B 83 20.05 5.79 -4.84
CA PRO B 83 21.34 6.06 -5.49
C PRO B 83 21.89 4.86 -6.26
N ASP B 84 21.05 3.92 -6.70
CA ASP B 84 21.55 2.74 -7.36
C ASP B 84 22.30 3.08 -8.64
N ALA B 85 21.80 4.05 -9.39
CA ALA B 85 22.34 4.34 -10.71
C ALA B 85 23.79 4.82 -10.64
N LEU B 86 24.18 5.45 -9.53
CA LEU B 86 25.49 6.07 -9.41
C LEU B 86 26.53 5.17 -8.76
N LYS B 87 26.22 3.89 -8.55
CA LYS B 87 27.15 3.02 -7.84
C LYS B 87 28.47 2.83 -8.59
N ASP B 88 28.48 3.02 -9.91
CA ASP B 88 29.67 2.75 -10.71
C ASP B 88 30.40 4.01 -11.16
N MET B 89 30.06 5.18 -10.62
CA MET B 89 30.69 6.43 -11.04
C MET B 89 31.82 6.79 -10.08
N GLY B 90 32.99 6.19 -10.30
CA GLY B 90 34.24 6.60 -9.69
C GLY B 90 34.20 6.61 -8.17
N LEU B 91 34.75 7.70 -7.60
CA LEU B 91 34.98 7.77 -6.16
C LEU B 91 33.69 7.70 -5.36
N PHE B 92 32.59 8.25 -5.88
CA PHE B 92 31.32 8.11 -5.17
C PHE B 92 30.95 6.64 -5.00
N GLY B 93 31.04 5.86 -6.08
CA GLY B 93 30.78 4.44 -5.98
C GLY B 93 31.77 3.72 -5.07
N GLN B 94 33.05 4.10 -5.15
CA GLN B 94 34.04 3.46 -4.30
C GLN B 94 33.71 3.67 -2.83
N ASN B 95 33.41 4.91 -2.45
CA ASN B 95 33.08 5.19 -1.05
C ASN B 95 31.77 4.54 -0.65
N MET B 96 30.83 4.42 -1.60
CA MET B 96 29.52 3.87 -1.26
C MET B 96 29.61 2.41 -0.82
N PHE B 97 30.70 1.72 -1.18
CA PHE B 97 30.84 0.31 -0.86
C PHE B 97 31.70 0.06 0.37
N TYR B 98 32.69 0.91 0.65
CA TYR B 98 33.55 0.72 1.80
C TYR B 98 32.84 1.08 3.11
N HIS B 99 32.23 2.27 3.17
CA HIS B 99 31.56 2.71 4.37
C HIS B 99 30.20 2.03 4.51
N TYR B 100 29.80 1.78 5.76
CA TYR B 100 28.54 1.09 6.03
C TYR B 100 27.35 2.03 5.92
N LEU B 101 27.51 3.30 6.26
CA LEU B 101 26.42 4.25 6.29
C LEU B 101 26.76 5.42 5.38
N GLY B 102 25.71 6.10 4.90
CA GLY B 102 25.89 7.21 3.98
C GLY B 102 24.68 8.10 3.94
N ARG B 103 24.89 9.31 3.41
CA ARG B 103 23.85 10.33 3.36
C ARG B 103 24.20 11.30 2.24
N ALA B 104 23.18 11.77 1.51
CA ALA B 104 23.43 12.70 0.42
C ALA B 104 22.12 13.16 -0.18
N GLY B 105 22.16 14.36 -0.77
CA GLY B 105 21.10 14.87 -1.60
C GLY B 105 21.40 14.62 -3.07
N TYR B 106 20.52 15.14 -3.93
CA TYR B 106 20.66 14.93 -5.36
C TYR B 106 20.17 16.15 -6.12
N THR B 107 20.66 16.29 -7.34
CA THR B 107 20.21 17.32 -8.28
C THR B 107 20.04 16.67 -9.64
N VAL B 108 19.03 17.09 -10.40
CA VAL B 108 18.67 16.44 -11.65
C VAL B 108 18.53 17.49 -12.73
N HIS B 109 18.77 17.08 -13.98
CA HIS B 109 18.62 17.95 -15.14
C HIS B 109 18.41 17.08 -16.37
N VAL B 110 17.35 17.35 -17.12
CA VAL B 110 16.97 16.57 -18.30
C VAL B 110 17.20 17.43 -19.53
N GLN B 111 17.72 16.82 -20.59
CA GLN B 111 18.09 17.51 -21.81
C GLN B 111 17.31 16.94 -22.99
N CYS B 112 16.70 17.82 -23.79
CA CYS B 112 15.93 17.40 -24.95
C CYS B 112 15.67 18.61 -25.84
N ASN B 113 15.95 18.48 -27.12
CA ASN B 113 15.80 19.58 -28.07
C ASN B 113 15.15 19.08 -29.35
N ALA B 114 14.48 19.99 -30.06
CA ALA B 114 13.78 19.65 -31.29
C ALA B 114 13.47 20.94 -32.05
N SER B 115 12.91 20.77 -33.25
CA SER B 115 12.61 21.89 -34.13
C SER B 115 11.26 22.50 -33.78
N LYS B 116 10.86 23.49 -34.59
CA LYS B 116 9.62 24.21 -34.34
C LYS B 116 8.39 23.44 -34.81
N PHE B 117 8.48 22.76 -35.97
CA PHE B 117 7.35 22.03 -36.51
C PHE B 117 7.04 20.74 -35.75
N HIS B 118 7.90 20.33 -34.83
CA HIS B 118 7.58 19.20 -33.97
C HIS B 118 6.58 19.60 -32.90
N GLN B 119 5.80 18.62 -32.43
CA GLN B 119 4.84 18.86 -31.35
C GLN B 119 4.77 17.62 -30.47
N GLY B 120 4.66 17.86 -29.17
CA GLY B 120 4.61 16.79 -28.18
C GLY B 120 4.76 17.36 -26.79
N ALA B 121 4.67 16.46 -25.80
CA ALA B 121 4.76 16.86 -24.41
C ALA B 121 5.23 15.69 -23.56
N LEU B 122 5.94 16.00 -22.47
CA LEU B 122 6.44 15.01 -21.53
C LEU B 122 6.22 15.48 -20.11
N GLY B 123 6.13 14.53 -19.18
CA GLY B 123 6.00 14.84 -17.76
C GLY B 123 7.15 14.25 -16.97
N VAL B 124 7.56 14.97 -15.92
CA VAL B 124 8.62 14.53 -15.01
C VAL B 124 8.04 14.49 -13.61
N PHE B 125 8.23 13.37 -12.92
CA PHE B 125 7.75 13.19 -11.56
C PHE B 125 8.86 12.63 -10.69
N ALA B 126 8.89 13.06 -9.43
CA ALA B 126 9.84 12.57 -8.44
C ALA B 126 9.08 12.01 -7.26
N VAL B 127 9.42 10.79 -6.85
CA VAL B 127 8.62 10.05 -5.88
C VAL B 127 9.53 9.45 -4.81
N PRO B 128 9.31 9.73 -3.52
CA PRO B 128 10.05 9.02 -2.48
C PRO B 128 9.37 7.71 -2.12
N GLU B 129 10.18 6.69 -1.87
CA GLU B 129 9.68 5.36 -1.53
C GLU B 129 8.73 4.86 -2.61
N MET B 130 9.26 4.78 -3.84
CA MET B 130 8.48 4.43 -5.02
C MET B 130 8.47 2.92 -5.18
N CYS B 131 7.48 2.26 -4.58
CA CYS B 131 7.35 0.82 -4.69
C CYS B 131 6.61 0.44 -5.97
N LEU B 132 6.78 -0.82 -6.39
CA LEU B 132 6.23 -1.32 -7.64
C LEU B 132 5.66 -2.71 -7.45
N ALA B 133 4.76 -3.10 -8.36
CA ALA B 133 4.08 -4.38 -8.28
C ALA B 133 4.88 -5.47 -8.98
N GLY B 134 4.59 -6.71 -8.62
CA GLY B 134 5.22 -7.86 -9.23
C GLY B 134 4.45 -8.37 -10.44
N ASP B 135 4.70 -9.64 -10.78
CA ASP B 135 4.07 -10.26 -11.93
C ASP B 135 3.62 -11.70 -11.68
N SER B 136 3.45 -12.12 -10.43
CA SER B 136 3.15 -13.52 -10.15
C SER B 136 2.18 -13.60 -8.98
N THR B 137 1.58 -14.77 -8.82
CA THR B 137 0.62 -14.96 -7.73
C THR B 137 1.27 -14.82 -6.37
N THR B 138 2.47 -15.35 -6.19
CA THR B 138 3.15 -15.32 -4.90
C THR B 138 3.39 -13.87 -4.48
N HIS B 139 3.10 -13.58 -3.22
CA HIS B 139 3.23 -12.21 -2.73
C HIS B 139 4.70 -11.87 -2.46
N MET B 140 5.11 -10.70 -2.95
CA MET B 140 6.42 -10.12 -2.62
C MET B 140 7.55 -11.09 -2.96
N PHE B 141 7.47 -11.73 -4.13
CA PHE B 141 8.44 -12.74 -4.52
C PHE B 141 9.55 -12.19 -5.42
N THR B 142 9.58 -10.89 -5.67
CA THR B 142 10.57 -10.34 -6.58
C THR B 142 11.97 -10.46 -5.98
N LYS B 143 12.96 -10.60 -6.86
CA LYS B 143 14.34 -10.83 -6.45
C LYS B 143 15.14 -9.53 -6.45
N TYR B 144 16.29 -9.57 -5.77
CA TYR B 144 17.11 -8.38 -5.61
C TYR B 144 17.74 -7.96 -6.93
N GLU B 145 18.29 -8.91 -7.68
CA GLU B 145 19.09 -8.57 -8.86
C GLU B 145 18.27 -7.83 -9.92
N ASN B 146 16.95 -8.03 -9.95
CA ASN B 146 16.12 -7.40 -10.97
C ASN B 146 15.59 -6.04 -10.52
N ALA B 147 15.49 -5.81 -9.21
CA ALA B 147 15.02 -4.53 -8.71
C ALA B 147 16.14 -3.49 -8.60
N ASN B 148 17.39 -3.89 -8.84
CA ASN B 148 18.54 -2.99 -8.81
C ASN B 148 19.34 -3.21 -10.09
N PRO B 149 18.79 -2.86 -11.25
CA PRO B 149 19.47 -3.16 -12.52
C PRO B 149 20.61 -2.21 -12.85
N GLY B 150 20.70 -1.06 -12.21
CA GLY B 150 21.74 -0.11 -12.52
C GLY B 150 21.22 1.11 -13.27
N GLU B 151 22.09 1.63 -14.14
CA GLU B 151 21.81 2.89 -14.81
C GLU B 151 20.76 2.78 -15.90
N LYS B 152 20.63 1.63 -16.56
CA LYS B 152 19.74 1.55 -17.72
C LYS B 152 18.29 1.78 -17.36
N GLY B 153 17.88 1.47 -16.13
CA GLY B 153 16.49 1.63 -15.72
C GLY B 153 15.59 0.60 -16.39
N GLY B 154 14.30 0.96 -16.49
CA GLY B 154 13.32 0.08 -17.09
C GLY B 154 12.23 0.91 -17.76
N GLU B 155 11.19 0.21 -18.22
CA GLU B 155 10.10 0.85 -18.94
C GLU B 155 8.75 0.27 -18.53
N PHE B 156 7.71 1.07 -18.68
CA PHE B 156 6.35 0.66 -18.33
C PHE B 156 5.76 -0.22 -19.42
N LYS B 157 4.71 -0.96 -19.06
CA LYS B 157 3.97 -1.81 -19.98
C LYS B 157 2.54 -1.34 -20.10
N GLY B 158 1.94 -1.64 -21.25
CA GLY B 158 0.59 -1.23 -21.55
C GLY B 158 -0.50 -2.16 -21.05
N SER B 159 -0.14 -3.31 -20.49
CA SER B 159 -1.14 -4.27 -20.04
C SER B 159 -0.50 -5.17 -18.98
N PHE B 160 -1.35 -5.94 -18.31
CA PHE B 160 -0.94 -6.83 -17.24
C PHE B 160 -1.01 -8.28 -17.72
N THR B 161 0.04 -9.05 -17.42
CA THR B 161 0.10 -10.45 -17.83
C THR B 161 0.85 -11.26 -16.78
N LEU B 162 0.28 -12.40 -16.39
CA LEU B 162 0.91 -13.29 -15.43
C LEU B 162 1.79 -14.31 -16.13
N ASP B 163 2.84 -14.73 -15.43
CA ASP B 163 3.75 -15.73 -15.95
C ASP B 163 3.22 -17.13 -15.68
N THR B 164 3.77 -18.11 -16.41
CA THR B 164 3.35 -19.49 -16.29
C THR B 164 4.50 -20.45 -16.02
N ASN B 165 5.75 -20.00 -16.13
CA ASN B 165 6.91 -20.86 -15.92
C ASN B 165 7.20 -20.96 -14.42
N ALA B 166 6.40 -21.79 -13.76
CA ALA B 166 6.53 -21.95 -12.32
C ALA B 166 7.87 -22.56 -11.93
N THR B 167 8.45 -23.38 -12.82
CA THR B 167 9.73 -24.01 -12.53
C THR B 167 10.89 -23.02 -12.56
N ASN B 168 10.87 -22.04 -13.46
CA ASN B 168 11.93 -21.06 -13.59
C ASN B 168 11.31 -19.67 -13.70
N PRO B 169 10.69 -19.19 -12.61
CA PRO B 169 10.03 -17.88 -12.67
C PRO B 169 11.03 -16.76 -12.92
N ALA B 170 10.57 -15.73 -13.62
CA ALA B 170 11.43 -14.57 -13.88
C ALA B 170 11.60 -13.72 -12.63
N ARG B 171 10.55 -13.61 -11.82
CA ARG B 171 10.59 -12.83 -10.58
C ARG B 171 10.97 -11.39 -10.90
N ASN B 172 10.13 -10.74 -11.71
CA ASN B 172 10.38 -9.40 -12.23
C ASN B 172 9.13 -8.55 -12.04
N PHE B 173 9.27 -7.26 -12.31
CA PHE B 173 8.16 -6.33 -12.18
C PHE B 173 7.26 -6.37 -13.42
N CYS B 174 6.10 -5.72 -13.31
CA CYS B 174 5.19 -5.54 -14.44
C CYS B 174 4.38 -4.27 -14.23
N PRO B 175 5.03 -3.11 -14.25
CA PRO B 175 4.30 -1.85 -14.06
C PRO B 175 3.34 -1.58 -15.20
N VAL B 176 2.29 -0.83 -14.90
CA VAL B 176 1.31 -0.38 -15.89
C VAL B 176 1.30 1.15 -15.88
N ASP B 177 1.24 1.73 -17.08
CA ASP B 177 1.41 3.19 -17.19
C ASP B 177 0.28 3.94 -16.52
N TYR B 178 -0.97 3.61 -16.84
CA TYR B 178 -2.08 4.39 -16.31
C TYR B 178 -2.37 4.07 -14.85
N LEU B 179 -1.83 2.97 -14.32
CA LEU B 179 -1.86 2.69 -12.89
C LEU B 179 -0.63 3.22 -12.17
N PHE B 180 0.34 3.76 -12.90
CA PHE B 180 1.55 4.32 -12.30
C PHE B 180 2.39 3.23 -11.62
N GLY B 181 2.10 1.98 -11.92
CA GLY B 181 2.84 0.86 -11.37
C GLY B 181 2.49 0.49 -9.95
N SER B 182 1.52 1.15 -9.33
CA SER B 182 1.18 0.83 -7.95
C SER B 182 -0.32 0.83 -7.68
N GLY B 183 -1.17 0.75 -8.69
CA GLY B 183 -2.60 0.67 -8.47
C GLY B 183 -3.28 1.99 -8.17
N VAL B 184 -2.71 3.10 -8.63
CA VAL B 184 -3.33 4.41 -8.42
C VAL B 184 -3.33 5.16 -9.76
N LEU B 185 -4.24 6.12 -9.87
CA LEU B 185 -4.41 6.85 -11.12
C LEU B 185 -3.20 7.74 -11.37
N ALA B 186 -2.82 7.87 -12.65
CA ALA B 186 -1.65 8.67 -12.99
C ALA B 186 -1.95 10.16 -12.93
N GLY B 187 -3.17 10.57 -13.27
CA GLY B 187 -3.51 11.98 -13.26
C GLY B 187 -3.39 12.63 -11.91
N ASN B 188 -3.55 11.86 -10.83
CA ASN B 188 -3.46 12.41 -9.49
C ASN B 188 -2.03 12.54 -8.99
N ALA B 189 -1.05 12.12 -9.79
CA ALA B 189 0.35 12.15 -9.36
C ALA B 189 0.93 13.56 -9.32
N PHE B 190 0.21 14.57 -9.82
CA PHE B 190 0.74 15.92 -9.81
C PHE B 190 0.86 16.49 -8.41
N VAL B 191 0.45 15.76 -7.38
CA VAL B 191 0.74 16.17 -6.01
C VAL B 191 2.22 16.08 -5.67
N TYR B 192 3.00 15.32 -6.46
CA TYR B 192 4.43 15.26 -6.29
C TYR B 192 5.11 16.45 -6.96
N PRO B 193 6.36 16.75 -6.59
CA PRO B 193 7.13 17.73 -7.37
C PRO B 193 7.26 17.27 -8.81
N HIS B 194 7.16 18.23 -9.73
CA HIS B 194 7.09 17.86 -11.14
C HIS B 194 7.45 19.08 -12.01
N GLN B 195 7.76 18.78 -13.26
CA GLN B 195 7.87 19.79 -14.31
C GLN B 195 7.34 19.19 -15.59
N ILE B 196 6.91 20.06 -16.50
CA ILE B 196 6.31 19.65 -17.77
C ILE B 196 7.10 20.29 -18.89
N ILE B 197 7.42 19.48 -19.91
CA ILE B 197 8.18 19.93 -21.07
C ILE B 197 7.25 19.94 -22.27
N ASN B 198 7.09 21.10 -22.88
CA ASN B 198 6.36 21.24 -24.14
C ASN B 198 7.35 21.72 -25.18
N LEU B 199 7.43 21.01 -26.31
CA LEU B 199 8.43 21.31 -27.32
C LEU B 199 8.25 22.69 -27.94
N ARG B 200 7.11 23.33 -27.74
CA ARG B 200 6.84 24.64 -28.32
C ARG B 200 7.25 25.79 -27.41
N THR B 201 7.66 25.54 -26.18
CA THR B 201 7.97 26.62 -25.25
C THR B 201 9.34 26.49 -24.59
N ASN B 202 9.80 25.27 -24.35
CA ASN B 202 11.00 25.05 -23.55
C ASN B 202 11.71 23.79 -24.01
N ASN B 203 12.92 23.59 -23.49
CA ASN B 203 13.78 22.50 -23.93
C ASN B 203 14.53 21.79 -22.81
N CYS B 204 14.21 22.04 -21.54
CA CYS B 204 14.92 21.37 -20.46
C CYS B 204 14.15 21.55 -19.16
N ALA B 205 14.57 20.78 -18.14
CA ALA B 205 13.95 20.81 -16.83
C ALA B 205 15.02 20.72 -15.75
N THR B 206 14.72 21.22 -14.57
CA THR B 206 15.66 21.22 -13.45
C THR B 206 14.90 21.05 -12.15
N LEU B 207 15.51 20.35 -11.19
CA LEU B 207 14.89 20.06 -9.89
C LEU B 207 15.96 19.99 -8.82
N VAL B 208 15.56 20.22 -7.57
CA VAL B 208 16.43 20.12 -6.41
C VAL B 208 15.79 19.17 -5.41
N LEU B 209 16.56 18.21 -4.91
CA LEU B 209 16.03 17.14 -4.06
C LEU B 209 16.84 17.01 -2.79
N PRO B 210 16.25 17.21 -1.61
CA PRO B 210 16.98 16.96 -0.36
C PRO B 210 16.84 15.51 0.09
N TYR B 211 17.48 15.20 1.21
CA TYR B 211 17.44 13.86 1.79
C TYR B 211 16.17 13.71 2.62
N VAL B 212 15.34 12.75 2.27
CA VAL B 212 14.07 12.50 2.96
C VAL B 212 14.09 11.06 3.47
N ASN B 213 13.89 10.90 4.78
CA ASN B 213 13.83 9.59 5.39
C ASN B 213 13.42 9.75 6.84
N SER B 214 13.03 8.64 7.46
CA SER B 214 12.64 8.61 8.85
C SER B 214 13.85 8.61 9.79
N LEU B 215 15.06 8.63 9.25
CA LEU B 215 16.27 8.58 10.06
C LEU B 215 17.29 9.55 9.48
N SER B 216 18.20 10.01 10.34
CA SER B 216 19.24 10.93 9.90
C SER B 216 20.16 10.27 8.87
N ILE B 217 20.37 8.95 8.97
CA ILE B 217 21.27 8.26 8.06
C ILE B 217 20.87 6.79 8.03
N ASP B 218 21.17 6.13 6.91
CA ASP B 218 20.80 4.73 6.71
C ASP B 218 21.82 4.07 5.82
N SER B 219 21.66 2.75 5.63
CA SER B 219 22.52 1.97 4.76
C SER B 219 22.12 2.22 3.31
N MET B 220 23.09 2.61 2.48
CA MET B 220 22.78 2.93 1.09
C MET B 220 22.59 1.68 0.23
N THR B 221 23.15 0.54 0.64
CA THR B 221 23.07 -0.67 -0.18
C THR B 221 21.71 -1.34 -0.10
N LYS B 222 20.90 -1.03 0.91
CA LYS B 222 19.64 -1.73 1.13
C LYS B 222 18.41 -0.90 0.80
N HIS B 223 18.46 0.42 1.01
CA HIS B 223 17.28 1.26 0.94
C HIS B 223 17.49 2.39 -0.04
N ASN B 224 16.53 2.59 -0.93
CA ASN B 224 16.54 3.67 -1.91
C ASN B 224 15.50 4.71 -1.51
N ASN B 225 15.93 5.98 -1.42
CA ASN B 225 15.04 7.03 -0.93
C ASN B 225 14.18 7.60 -2.05
N TRP B 226 14.82 8.04 -3.13
CA TRP B 226 14.14 8.77 -4.20
C TRP B 226 13.99 7.90 -5.44
N GLY B 227 12.87 8.03 -6.12
CA GLY B 227 12.66 7.42 -7.41
C GLY B 227 12.25 8.43 -8.45
N ILE B 228 12.43 8.11 -9.73
CA ILE B 228 12.14 9.04 -10.83
C ILE B 228 11.38 8.29 -11.91
N ALA B 229 10.34 8.94 -12.45
CA ALA B 229 9.53 8.36 -13.52
C ALA B 229 9.28 9.41 -14.59
N ILE B 230 9.11 8.94 -15.82
CA ILE B 230 8.86 9.80 -16.98
C ILE B 230 7.73 9.17 -17.79
N LEU B 231 6.75 10.00 -18.17
CA LEU B 231 5.59 9.52 -18.92
C LEU B 231 5.23 10.53 -20.02
N PRO B 232 5.11 10.11 -21.27
CA PRO B 232 4.61 11.03 -22.32
C PRO B 232 3.13 11.29 -22.16
N LEU B 233 2.75 12.57 -22.23
CA LEU B 233 1.34 12.94 -22.13
C LEU B 233 0.70 13.12 -23.52
N ALA B 234 1.44 13.67 -24.47
CA ALA B 234 0.96 13.85 -25.83
C ALA B 234 1.94 13.22 -26.81
N PRO B 235 1.47 12.39 -27.74
CA PRO B 235 2.40 11.65 -28.59
C PRO B 235 3.18 12.56 -29.53
N LEU B 236 4.41 12.16 -29.83
CA LEU B 236 5.24 12.90 -30.77
C LEU B 236 4.67 12.76 -32.19
N ASP B 237 4.75 13.85 -32.95
CA ASP B 237 4.26 13.84 -34.32
C ASP B 237 5.12 14.78 -35.16
N PHE B 238 5.17 14.51 -36.46
CA PHE B 238 5.90 15.35 -37.40
C PHE B 238 5.37 15.04 -38.79
N ALA B 239 5.50 16.02 -39.68
CA ALA B 239 4.99 15.86 -41.04
C ALA B 239 5.65 14.71 -41.78
N THR B 240 6.81 14.25 -41.34
CA THR B 240 7.46 13.09 -41.96
C THR B 240 6.59 11.86 -41.78
N GLU B 241 6.12 11.30 -42.89
CA GLU B 241 5.23 10.15 -42.84
C GLU B 241 5.96 8.83 -42.64
N SER B 242 7.29 8.81 -42.76
CA SER B 242 8.04 7.56 -42.67
C SER B 242 8.28 7.18 -41.22
N SER B 243 9.05 8.00 -40.50
CA SER B 243 9.39 7.73 -39.12
C SER B 243 10.17 8.91 -38.57
N THR B 244 10.27 8.97 -37.24
CA THR B 244 10.98 10.05 -36.59
C THR B 244 11.39 9.61 -35.19
N GLU B 245 12.61 9.96 -34.81
CA GLU B 245 13.16 9.63 -33.50
C GLU B 245 14.02 10.78 -33.02
N ILE B 246 14.02 11.00 -31.71
CA ILE B 246 14.90 12.01 -31.11
C ILE B 246 15.44 11.48 -29.80
N PRO B 247 16.64 11.93 -29.42
CA PRO B 247 17.28 11.39 -28.22
C PRO B 247 16.86 12.11 -26.95
N ILE B 248 17.13 11.45 -25.82
CA ILE B 248 16.99 12.03 -24.49
C ILE B 248 18.23 11.68 -23.69
N THR B 249 18.77 12.67 -22.98
CA THR B 249 19.94 12.48 -22.14
C THR B 249 19.65 13.04 -20.76
N LEU B 250 20.24 12.42 -19.74
CA LEU B 250 19.95 12.76 -18.35
C LEU B 250 21.25 12.98 -17.60
N THR B 251 21.22 13.88 -16.63
CA THR B 251 22.39 14.21 -15.82
C THR B 251 21.99 14.27 -14.36
N ILE B 252 22.90 13.85 -13.48
CA ILE B 252 22.66 13.81 -12.05
C ILE B 252 23.92 14.27 -11.33
N ALA B 253 23.74 14.88 -10.16
CA ALA B 253 24.85 15.34 -9.34
C ALA B 253 24.43 15.40 -7.88
N PRO B 254 25.12 14.68 -6.99
CA PRO B 254 24.79 14.76 -5.56
C PRO B 254 25.50 15.92 -4.89
N MET B 255 25.08 16.20 -3.65
CA MET B 255 25.65 17.26 -2.85
C MET B 255 25.59 16.88 -1.38
N CYS B 256 26.56 17.39 -0.61
CA CYS B 256 26.60 17.19 0.83
C CYS B 256 26.72 15.71 1.18
N CYS B 257 27.84 15.10 0.78
CA CYS B 257 28.04 13.69 1.04
C CYS B 257 28.85 13.47 2.32
N GLU B 258 28.55 12.39 3.02
CA GLU B 258 29.35 11.98 4.18
C GLU B 258 29.05 10.51 4.47
N PHE B 259 29.97 9.86 5.18
CA PHE B 259 29.89 8.42 5.41
C PHE B 259 30.45 8.08 6.78
N ASN B 260 30.13 6.87 7.24
CA ASN B 260 30.61 6.34 8.51
C ASN B 260 30.73 4.82 8.42
N GLY B 261 31.46 4.25 9.37
CA GLY B 261 31.57 2.81 9.46
C GLY B 261 32.41 2.18 8.38
N LEU B 262 33.72 2.39 8.44
CA LEU B 262 34.66 1.87 7.45
C LEU B 262 35.09 0.46 7.82
N ARG B 263 35.07 -0.45 6.85
CA ARG B 263 35.59 -1.80 7.04
C ARG B 263 36.12 -2.29 5.71
N ASN B 264 36.33 -3.61 5.59
CA ASN B 264 36.72 -4.19 4.32
C ASN B 264 35.65 -3.93 3.27
N ILE B 265 36.00 -4.22 2.02
CA ILE B 265 35.14 -3.87 0.89
C ILE B 265 34.01 -4.88 0.74
N THR B 266 32.94 -4.46 0.07
CA THR B 266 31.85 -5.36 -0.28
C THR B 266 31.87 -5.65 -1.77
N VAL B 267 31.29 -6.80 -2.14
CA VAL B 267 31.17 -7.20 -3.54
C VAL B 267 29.84 -7.93 -3.72
N PRO B 268 28.77 -7.25 -4.14
CA PRO B 268 27.47 -7.91 -4.23
C PRO B 268 27.41 -8.93 -5.36
N ARG B 269 26.55 -9.92 -5.18
CA ARG B 269 26.34 -10.93 -6.22
C ARG B 269 25.47 -10.37 -7.34
N THR B 270 25.78 -10.77 -8.57
CA THR B 270 25.02 -10.32 -9.72
C THR B 270 24.87 -11.47 -10.71
N GLN B 271 23.85 -11.36 -11.55
CA GLN B 271 23.62 -12.34 -12.60
C GLN B 271 23.32 -11.63 -13.91
N GLY C 1 -21.69 10.69 49.40
CA GLY C 1 -23.16 10.89 49.54
C GLY C 1 -23.93 10.32 48.38
N LEU C 2 -23.40 9.24 47.81
CA LEU C 2 -24.02 8.57 46.66
C LEU C 2 -23.53 7.14 46.60
N PRO C 3 -23.66 6.35 47.67
CA PRO C 3 -23.00 5.03 47.67
C PRO C 3 -23.65 4.02 46.74
N VAL C 4 -24.96 3.82 46.81
CA VAL C 4 -25.61 2.74 46.08
C VAL C 4 -26.83 3.25 45.32
N LEU C 5 -27.07 4.55 45.35
CA LEU C 5 -28.31 5.08 44.79
C LEU C 5 -28.24 5.11 43.26
N ASN C 6 -29.31 5.64 42.66
CA ASN C 6 -29.53 5.55 41.22
C ASN C 6 -28.53 6.41 40.45
N THR C 7 -28.49 6.20 39.14
CA THR C 7 -27.64 6.96 38.23
C THR C 7 -28.36 7.08 36.89
N PRO C 8 -28.00 8.07 36.07
CA PRO C 8 -28.66 8.25 34.77
C PRO C 8 -28.10 7.33 33.69
N GLY C 9 -28.54 7.53 32.44
CA GLY C 9 -28.10 6.71 31.34
C GLY C 9 -26.59 6.69 31.16
N SER C 10 -25.97 5.54 31.38
CA SER C 10 -24.52 5.40 31.35
C SER C 10 -24.16 3.97 30.98
N ASN C 11 -22.86 3.68 30.98
CA ASN C 11 -22.30 2.37 30.69
C ASN C 11 -22.42 1.98 29.22
N GLN C 12 -22.80 2.91 28.35
CA GLN C 12 -22.80 2.63 26.92
C GLN C 12 -21.43 2.95 26.33
N TYR C 13 -21.18 2.40 25.15
CA TYR C 13 -19.94 2.66 24.41
C TYR C 13 -20.29 3.45 23.16
N LEU C 14 -19.73 4.65 23.05
CA LEU C 14 -19.91 5.53 21.90
C LEU C 14 -18.56 5.79 21.29
N THR C 15 -18.44 5.58 19.98
CA THR C 15 -17.15 5.61 19.29
C THR C 15 -16.57 7.02 19.14
N ALA C 16 -17.28 8.09 19.47
CA ALA C 16 -16.76 9.45 19.29
C ALA C 16 -16.56 10.16 20.62
N ASP C 17 -16.35 9.42 21.70
CA ASP C 17 -16.20 10.03 23.02
C ASP C 17 -14.76 10.49 23.24
N ASN C 18 -14.50 11.03 24.42
CA ASN C 18 -13.18 11.54 24.77
C ASN C 18 -13.05 11.50 26.29
N TYR C 19 -12.31 10.51 26.79
CA TYR C 19 -12.10 10.35 28.22
C TYR C 19 -10.65 10.00 28.48
N GLN C 20 -10.23 10.14 29.74
CA GLN C 20 -8.93 9.65 30.16
C GLN C 20 -9.00 8.13 30.37
N SER C 21 -7.83 7.50 30.29
CA SER C 21 -7.72 6.06 30.48
C SER C 21 -6.35 5.75 31.06
N PRO C 22 -6.21 4.61 31.74
CA PRO C 22 -4.90 4.28 32.33
C PRO C 22 -3.91 3.85 31.26
N CYS C 23 -2.64 3.82 31.66
CA CYS C 23 -1.53 3.48 30.77
C CYS C 23 -0.89 2.18 31.23
N ALA C 24 -0.61 1.30 30.26
CA ALA C 24 -0.13 -0.04 30.58
C ALA C 24 1.39 -0.17 30.60
N ILE C 25 2.12 0.90 30.25
CA ILE C 25 3.57 0.86 30.24
C ILE C 25 4.11 2.07 31.00
N PRO C 26 3.99 2.10 32.32
CA PRO C 26 4.42 3.28 33.07
C PRO C 26 5.93 3.49 32.99
N GLU C 27 6.33 4.75 33.13
CA GLU C 27 7.74 5.13 33.18
C GLU C 27 8.46 4.68 31.91
N PHE C 28 7.83 4.92 30.76
CA PHE C 28 8.41 4.52 29.48
C PHE C 28 9.32 5.62 28.94
N ASP C 29 10.23 5.24 28.06
CA ASP C 29 11.17 6.16 27.42
C ASP C 29 10.71 6.38 25.98
N VAL C 30 10.63 7.65 25.57
CA VAL C 30 10.09 8.03 24.27
C VAL C 30 11.21 8.59 23.41
N THR C 31 11.26 8.13 22.16
CA THR C 31 12.24 8.65 21.22
C THR C 31 11.85 10.06 20.78
N PRO C 32 12.78 11.02 20.80
CA PRO C 32 12.44 12.39 20.40
C PRO C 32 12.23 12.50 18.91
N PRO C 33 11.45 13.47 18.44
CA PRO C 33 11.23 13.63 17.00
C PRO C 33 12.30 14.53 16.36
N ILE C 34 12.17 14.70 15.05
CA ILE C 34 13.05 15.57 14.28
C ILE C 34 12.23 16.30 13.23
N ASP C 35 12.86 17.27 12.58
CA ASP C 35 12.19 18.06 11.56
C ASP C 35 12.27 17.37 10.21
N ILE C 36 11.14 17.30 9.52
CA ILE C 36 11.06 16.66 8.21
C ILE C 36 10.22 17.55 7.29
N PRO C 37 10.54 17.63 6.00
CA PRO C 37 9.69 18.42 5.09
C PRO C 37 8.30 17.85 4.96
N GLY C 38 7.36 18.73 4.64
CA GLY C 38 6.01 18.32 4.27
C GLY C 38 5.04 18.13 5.40
N GLU C 39 5.28 18.72 6.57
CA GLU C 39 4.32 18.61 7.66
C GLU C 39 2.99 19.20 7.23
N VAL C 40 1.94 18.37 7.29
CA VAL C 40 0.61 18.76 6.84
C VAL C 40 -0.30 18.85 8.04
N ARG C 41 -1.15 19.87 8.06
CA ARG C 41 -2.00 20.14 9.21
C ARG C 41 -3.45 20.43 8.85
N ASN C 42 -3.80 20.53 7.57
CA ASN C 42 -5.18 20.73 7.15
C ASN C 42 -5.34 20.10 5.77
N MET C 43 -6.55 19.59 5.51
CA MET C 43 -6.79 18.89 4.26
C MET C 43 -6.93 19.86 3.09
N MET C 44 -7.42 21.08 3.35
CA MET C 44 -7.58 22.05 2.27
C MET C 44 -6.26 22.37 1.59
N GLU C 45 -5.12 22.12 2.24
CA GLU C 45 -3.83 22.28 1.60
C GLU C 45 -3.65 21.35 0.42
N LEU C 46 -4.48 20.30 0.31
CA LEU C 46 -4.42 19.37 -0.81
C LEU C 46 -5.41 19.70 -1.93
N ALA C 47 -6.50 20.40 -1.62
CA ALA C 47 -7.48 20.74 -2.62
C ALA C 47 -7.01 21.84 -3.56
N GLU C 48 -6.05 22.66 -3.12
CA GLU C 48 -5.49 23.73 -3.94
C GLU C 48 -4.36 23.25 -4.84
N ILE C 49 -4.57 22.18 -5.60
CA ILE C 49 -3.57 21.65 -6.52
C ILE C 49 -4.28 21.18 -7.78
N ASP C 50 -3.64 21.43 -8.93
CA ASP C 50 -4.22 21.04 -10.20
C ASP C 50 -4.18 19.52 -10.37
N THR C 51 -5.05 19.01 -11.23
CA THR C 51 -5.13 17.58 -11.47
C THR C 51 -5.78 17.33 -12.82
N MET C 52 -5.39 16.23 -13.46
CA MET C 52 -5.90 15.90 -14.78
C MET C 52 -7.34 15.40 -14.69
N ILE C 53 -8.03 15.43 -15.83
CA ILE C 53 -9.45 15.09 -15.92
C ILE C 53 -9.63 14.09 -17.06
N PRO C 54 -10.30 12.94 -16.83
CA PRO C 54 -10.59 12.02 -17.95
C PRO C 54 -11.83 12.45 -18.74
N LEU C 55 -11.63 13.35 -19.70
CA LEU C 55 -12.77 13.94 -20.40
C LEU C 55 -13.36 12.99 -21.43
N ASN C 56 -12.53 12.29 -22.21
CA ASN C 56 -13.04 11.53 -23.33
C ASN C 56 -13.99 10.43 -22.88
N LEU C 57 -13.47 9.44 -22.14
CA LEU C 57 -14.30 8.45 -21.48
C LEU C 57 -15.14 7.62 -22.44
N THR C 58 -14.74 7.53 -23.72
CA THR C 58 -15.44 6.67 -24.65
C THR C 58 -15.10 5.21 -24.41
N ASN C 59 -15.90 4.33 -25.00
CA ASN C 59 -15.72 2.89 -24.78
C ASN C 59 -14.39 2.37 -25.31
N GLN C 60 -13.85 3.01 -26.35
CA GLN C 60 -12.60 2.58 -26.95
C GLN C 60 -11.38 3.25 -26.35
N ARG C 61 -11.57 4.15 -25.38
CA ARG C 61 -10.48 4.86 -24.74
C ARG C 61 -10.49 4.78 -23.23
N LYS C 62 -11.64 4.45 -22.62
CA LYS C 62 -11.71 4.33 -21.17
C LYS C 62 -10.82 3.19 -20.70
N ASN C 63 -10.23 3.37 -19.52
CA ASN C 63 -9.23 2.44 -18.99
C ASN C 63 -8.00 2.39 -19.89
N THR C 64 -7.72 3.51 -20.54
CA THR C 64 -6.53 3.65 -21.38
C THR C 64 -5.98 5.05 -21.23
N MET C 65 -4.70 5.20 -21.58
CA MET C 65 -4.05 6.50 -21.44
C MET C 65 -4.58 7.52 -22.44
N ASP C 66 -5.29 7.08 -23.47
CA ASP C 66 -5.77 7.99 -24.50
C ASP C 66 -6.96 8.82 -24.06
N MET C 67 -7.63 8.44 -22.97
CA MET C 67 -8.84 9.14 -22.57
C MET C 67 -8.58 10.52 -21.99
N TYR C 68 -7.32 10.86 -21.71
CA TYR C 68 -6.99 12.18 -21.19
C TYR C 68 -6.82 13.24 -22.27
N ARG C 69 -6.87 12.87 -23.55
CA ARG C 69 -6.59 13.79 -24.63
C ARG C 69 -7.85 14.08 -25.44
N VAL C 70 -7.84 15.23 -26.12
CA VAL C 70 -8.90 15.64 -27.03
C VAL C 70 -8.24 16.08 -28.33
N GLU C 71 -8.98 15.97 -29.44
CA GLU C 71 -8.45 16.27 -30.77
C GLU C 71 -9.15 17.50 -31.35
N LEU C 72 -8.37 18.33 -32.03
CA LEU C 72 -8.86 19.51 -32.73
C LEU C 72 -8.40 19.47 -34.18
N ASN C 73 -9.15 20.16 -35.05
CA ASN C 73 -8.86 20.16 -36.47
C ASN C 73 -9.11 21.56 -37.02
N ASP C 74 -8.50 21.81 -38.19
CA ASP C 74 -8.51 23.15 -38.80
C ASP C 74 -9.58 23.32 -39.87
N ALA C 75 -10.72 22.65 -39.76
CA ALA C 75 -11.78 22.82 -40.73
C ALA C 75 -12.43 24.20 -40.59
N ALA C 76 -13.43 24.45 -41.43
CA ALA C 76 -14.07 25.76 -41.44
C ALA C 76 -14.84 26.00 -40.15
N HIS C 77 -15.33 27.23 -40.00
CA HIS C 77 -16.00 27.64 -38.78
C HIS C 77 -17.36 26.95 -38.63
N SER C 78 -17.74 26.70 -37.39
CA SER C 78 -19.06 26.15 -37.08
C SER C 78 -19.37 26.48 -35.62
N ASP C 79 -20.65 26.44 -35.27
CA ASP C 79 -21.11 26.77 -33.93
C ASP C 79 -21.39 25.55 -33.07
N THR C 80 -21.09 24.35 -33.56
CA THR C 80 -21.39 23.16 -32.79
C THR C 80 -20.47 23.07 -31.57
N PRO C 81 -20.96 22.51 -30.46
CA PRO C 81 -20.12 22.39 -29.26
C PRO C 81 -19.01 21.37 -29.44
N ILE C 82 -17.93 21.55 -28.70
CA ILE C 82 -16.84 20.59 -28.67
C ILE C 82 -17.03 19.57 -27.56
N LEU C 83 -17.44 20.03 -26.38
CA LEU C 83 -17.56 19.15 -25.22
C LEU C 83 -18.49 19.79 -24.20
N CYS C 84 -18.96 18.98 -23.26
CA CYS C 84 -19.89 19.44 -22.24
C CYS C 84 -19.60 18.76 -20.90
N LEU C 85 -19.91 19.46 -19.81
CA LEU C 85 -19.75 18.95 -18.46
C LEU C 85 -20.82 19.55 -17.56
N SER C 86 -21.22 18.78 -16.54
CA SER C 86 -22.13 19.28 -15.53
C SER C 86 -21.40 19.44 -14.20
N LEU C 87 -21.68 20.54 -13.50
CA LEU C 87 -21.01 20.84 -12.24
C LEU C 87 -21.65 19.99 -11.14
N SER C 88 -21.06 18.83 -10.88
CA SER C 88 -21.52 17.92 -9.84
C SER C 88 -20.34 17.05 -9.40
N PRO C 89 -19.40 17.61 -8.63
CA PRO C 89 -18.14 16.90 -8.38
C PRO C 89 -18.30 15.55 -7.70
N ALA C 90 -19.29 15.37 -6.83
CA ALA C 90 -19.39 14.14 -6.05
C ALA C 90 -20.21 13.05 -6.71
N SER C 91 -20.81 13.29 -7.87
CA SER C 91 -21.65 12.30 -8.53
C SER C 91 -21.27 12.14 -9.99
N ASP C 92 -20.64 13.16 -10.57
CA ASP C 92 -20.23 13.08 -11.97
C ASP C 92 -19.04 12.15 -12.10
N PRO C 93 -19.11 11.11 -12.93
CA PRO C 93 -17.97 10.19 -13.05
C PRO C 93 -16.69 10.88 -13.51
N ARG C 94 -16.81 11.94 -14.32
CA ARG C 94 -15.63 12.61 -14.84
C ARG C 94 -14.89 13.42 -13.77
N LEU C 95 -15.48 13.59 -12.59
CA LEU C 95 -14.86 14.36 -11.52
C LEU C 95 -14.79 13.61 -10.20
N ALA C 96 -15.64 12.59 -10.01
CA ALA C 96 -15.65 11.87 -8.74
C ALA C 96 -14.34 11.16 -8.46
N HIS C 97 -13.57 10.81 -9.50
CA HIS C 97 -12.34 10.05 -9.33
C HIS C 97 -11.10 10.91 -9.23
N THR C 98 -11.25 12.23 -9.20
CA THR C 98 -10.12 13.11 -8.98
C THR C 98 -9.82 13.23 -7.49
N MET C 99 -8.71 13.91 -7.18
CA MET C 99 -8.34 14.11 -5.78
C MET C 99 -9.41 14.89 -5.04
N LEU C 100 -9.93 15.95 -5.66
CA LEU C 100 -10.95 16.78 -5.02
C LEU C 100 -12.21 15.94 -4.75
N GLY C 101 -12.68 15.21 -5.75
CA GLY C 101 -13.85 14.37 -5.54
C GLY C 101 -13.59 13.25 -4.54
N GLU C 102 -12.39 12.68 -4.56
CA GLU C 102 -12.07 11.62 -3.62
C GLU C 102 -12.12 12.14 -2.18
N ILE C 103 -11.59 13.34 -1.94
CA ILE C 103 -11.72 13.92 -0.61
C ILE C 103 -13.17 14.24 -0.28
N LEU C 104 -13.92 14.79 -1.24
CA LEU C 104 -15.30 15.18 -0.96
C LEU C 104 -16.17 13.97 -0.62
N ASN C 105 -15.86 12.80 -1.19
CA ASN C 105 -16.66 11.62 -0.90
C ASN C 105 -16.67 11.26 0.57
N TYR C 106 -15.66 11.69 1.34
CA TYR C 106 -15.64 11.47 2.79
C TYR C 106 -16.41 12.52 3.57
N TYR C 107 -16.92 13.56 2.91
CA TYR C 107 -17.67 14.62 3.55
C TYR C 107 -19.03 14.76 2.89
N THR C 108 -19.94 15.45 3.59
CA THR C 108 -21.33 15.54 3.16
C THR C 108 -21.75 16.93 2.69
N HIS C 109 -21.07 17.99 3.13
CA HIS C 109 -21.44 19.36 2.78
C HIS C 109 -20.21 20.10 2.28
N TRP C 110 -20.42 21.00 1.32
CA TRP C 110 -19.33 21.78 0.75
C TRP C 110 -19.87 23.10 0.21
N ALA C 111 -18.95 24.05 0.03
CA ALA C 111 -19.29 25.35 -0.55
C ALA C 111 -18.00 26.08 -0.89
N GLY C 112 -18.08 26.96 -1.89
CA GLY C 112 -16.95 27.75 -2.33
C GLY C 112 -16.88 27.83 -3.85
N SER C 113 -15.79 28.43 -4.32
CA SER C 113 -15.57 28.64 -5.74
C SER C 113 -14.57 27.63 -6.28
N LEU C 114 -14.56 27.48 -7.61
CA LEU C 114 -13.70 26.51 -8.28
C LEU C 114 -13.02 27.17 -9.48
N LYS C 115 -11.87 26.62 -9.86
CA LYS C 115 -11.08 27.13 -10.97
C LYS C 115 -10.84 26.02 -11.99
N PHE C 116 -10.82 26.39 -13.26
CA PHE C 116 -10.56 25.47 -14.36
C PHE C 116 -9.46 26.05 -15.25
N THR C 117 -8.57 25.17 -15.72
CA THR C 117 -7.43 25.56 -16.53
C THR C 117 -7.29 24.61 -17.71
N PHE C 118 -6.79 25.14 -18.83
CA PHE C 118 -6.59 24.35 -20.04
C PHE C 118 -5.21 24.63 -20.61
N LEU C 119 -4.65 23.63 -21.30
CA LEU C 119 -3.30 23.70 -21.85
C LEU C 119 -3.33 23.23 -23.30
N PHE C 120 -2.61 23.95 -24.16
CA PHE C 120 -2.56 23.67 -25.58
C PHE C 120 -1.21 23.06 -25.93
N CYS C 121 -1.22 21.93 -26.64
CA CYS C 121 -0.01 21.16 -26.92
C CYS C 121 0.32 21.11 -28.41
N GLY C 122 -0.13 22.09 -29.18
CA GLY C 122 0.20 22.15 -30.59
C GLY C 122 1.54 22.80 -30.85
N SER C 123 1.89 22.89 -32.13
CA SER C 123 3.17 23.47 -32.54
C SER C 123 3.16 24.99 -32.38
N MET C 124 4.31 25.62 -32.59
CA MET C 124 4.40 27.07 -32.40
C MET C 124 3.63 27.84 -33.47
N MET C 125 3.64 27.37 -34.71
CA MET C 125 3.07 28.16 -35.80
C MET C 125 1.54 28.19 -35.77
N ALA C 126 0.92 27.34 -34.95
CA ALA C 126 -0.54 27.30 -34.88
C ALA C 126 -1.10 28.57 -34.26
N THR C 127 -2.32 28.93 -34.67
CA THR C 127 -2.98 30.13 -34.17
C THR C 127 -4.48 29.89 -34.14
N GLY C 128 -5.17 30.66 -33.30
CA GLY C 128 -6.61 30.55 -33.21
C GLY C 128 -7.13 31.21 -31.96
N LYS C 129 -8.46 31.19 -31.83
CA LYS C 129 -9.15 31.74 -30.68
C LYS C 129 -10.23 30.75 -30.25
N LEU C 130 -10.61 30.82 -28.97
CA LEU C 130 -11.60 29.90 -28.40
C LEU C 130 -12.48 30.64 -27.40
N LEU C 131 -13.58 30.00 -27.02
CA LEU C 131 -14.53 30.56 -26.08
C LEU C 131 -14.91 29.52 -25.04
N VAL C 132 -15.12 29.98 -23.80
CA VAL C 132 -15.55 29.14 -22.70
C VAL C 132 -16.73 29.83 -22.01
N SER C 133 -17.70 29.02 -21.55
CA SER C 133 -18.94 29.56 -21.02
C SER C 133 -19.37 28.80 -19.78
N TYR C 134 -20.14 29.48 -18.93
CA TYR C 134 -20.76 28.90 -17.75
C TYR C 134 -22.14 29.48 -17.59
N ALA C 135 -23.15 28.62 -17.45
CA ALA C 135 -24.55 29.05 -17.43
C ALA C 135 -25.23 28.46 -16.20
N PRO C 136 -25.72 29.29 -15.27
CA PRO C 136 -26.46 28.75 -14.13
C PRO C 136 -27.70 28.01 -14.58
N PRO C 137 -28.34 27.25 -13.69
CA PRO C 137 -29.47 26.41 -14.09
C PRO C 137 -30.73 27.22 -14.35
N GLY C 138 -31.82 26.49 -14.60
CA GLY C 138 -33.12 27.11 -14.74
C GLY C 138 -33.61 27.29 -16.15
N ALA C 139 -33.00 26.62 -17.14
CA ALA C 139 -33.46 26.76 -18.51
C ALA C 139 -32.85 25.66 -19.36
N GLU C 140 -33.16 25.68 -20.65
CA GLU C 140 -32.66 24.69 -21.57
C GLU C 140 -31.13 24.75 -21.63
N ALA C 141 -30.51 23.59 -21.75
CA ALA C 141 -29.06 23.53 -21.82
C ALA C 141 -28.58 24.20 -23.11
N PRO C 142 -27.62 25.13 -23.03
CA PRO C 142 -27.16 25.81 -24.25
C PRO C 142 -26.43 24.85 -25.17
N LYS C 143 -26.56 25.09 -26.47
CA LYS C 143 -25.87 24.28 -27.47
C LYS C 143 -25.39 25.09 -28.66
N SER C 144 -25.32 26.41 -28.55
CA SER C 144 -24.83 27.25 -29.64
C SER C 144 -24.14 28.47 -29.03
N ARG C 145 -23.23 29.06 -29.82
CA ARG C 145 -22.47 30.18 -29.32
C ARG C 145 -23.35 31.37 -28.97
N LYS C 146 -24.40 31.61 -29.76
CA LYS C 146 -25.32 32.71 -29.48
C LYS C 146 -26.03 32.53 -28.14
N GLU C 147 -26.45 31.31 -27.81
CA GLU C 147 -27.14 31.08 -26.54
C GLU C 147 -26.17 31.14 -25.36
N ALA C 148 -24.93 30.69 -25.55
CA ALA C 148 -23.98 30.69 -24.45
C ALA C 148 -23.42 32.08 -24.18
N MET C 149 -23.29 32.92 -25.21
CA MET C 149 -22.64 34.21 -25.02
C MET C 149 -23.46 35.16 -24.15
N LEU C 150 -24.72 34.84 -23.86
CA LEU C 150 -25.50 35.65 -22.95
C LEU C 150 -25.02 35.55 -21.51
N GLY C 151 -24.62 34.36 -21.06
CA GLY C 151 -24.14 34.17 -19.71
C GLY C 151 -22.67 34.49 -19.58
N THR C 152 -22.12 34.08 -18.44
CA THR C 152 -20.71 34.30 -18.16
C THR C 152 -19.85 33.61 -19.22
N HIS C 153 -18.85 34.32 -19.73
CA HIS C 153 -17.97 33.78 -20.75
C HIS C 153 -16.66 34.56 -20.75
N VAL C 154 -15.64 33.96 -21.37
CA VAL C 154 -14.33 34.58 -21.47
C VAL C 154 -13.73 34.21 -22.82
N ILE C 155 -12.97 35.14 -23.39
CA ILE C 155 -12.33 34.97 -24.69
C ILE C 155 -10.86 34.64 -24.45
N TRP C 156 -10.39 33.57 -25.10
CA TRP C 156 -9.04 33.08 -24.91
C TRP C 156 -8.27 33.19 -26.23
N ASP C 157 -7.08 33.80 -26.16
CA ASP C 157 -6.24 34.02 -27.34
C ASP C 157 -4.97 33.21 -27.18
N ILE C 158 -4.64 32.43 -28.20
CA ILE C 158 -3.43 31.61 -28.20
C ILE C 158 -2.24 32.49 -28.60
N GLY C 159 -1.12 32.32 -27.91
CA GLY C 159 0.07 33.08 -28.21
C GLY C 159 1.32 32.49 -27.59
N LEU C 160 2.23 33.36 -27.15
CA LEU C 160 3.47 32.90 -26.53
C LEU C 160 3.21 32.19 -25.21
N GLN C 161 2.09 32.47 -24.56
CA GLN C 161 1.68 31.79 -23.33
C GLN C 161 0.44 30.95 -23.62
N SER C 162 0.52 29.66 -23.31
CA SER C 162 -0.46 28.71 -23.83
C SER C 162 -1.57 28.38 -22.83
N SER C 163 -1.48 28.87 -21.60
CA SER C 163 -2.43 28.48 -20.57
C SER C 163 -3.36 29.65 -20.24
N CYS C 164 -4.59 29.32 -19.88
CA CYS C 164 -5.59 30.30 -19.47
C CYS C 164 -6.45 29.68 -18.37
N THR C 165 -7.10 30.55 -17.60
CA THR C 165 -7.86 30.13 -16.42
C THR C 165 -9.23 30.78 -16.42
N MET C 166 -10.23 30.05 -15.93
CA MET C 166 -11.59 30.53 -15.79
C MET C 166 -12.08 30.19 -14.38
N VAL C 167 -12.90 31.07 -13.81
CA VAL C 167 -13.29 30.98 -12.40
C VAL C 167 -14.80 30.79 -12.31
N VAL C 168 -15.22 29.89 -11.43
CA VAL C 168 -16.64 29.62 -11.19
C VAL C 168 -17.03 30.35 -9.92
N PRO C 169 -17.85 31.39 -9.98
CA PRO C 169 -18.24 32.10 -8.76
C PRO C 169 -19.19 31.27 -7.91
N TRP C 170 -19.30 31.67 -6.64
CA TRP C 170 -20.23 31.03 -5.71
C TRP C 170 -21.59 31.72 -5.81
N ILE C 171 -22.51 31.11 -6.53
CA ILE C 171 -23.89 31.57 -6.62
C ILE C 171 -24.79 30.40 -6.25
N SER C 172 -25.51 30.54 -5.15
CA SER C 172 -26.41 29.49 -4.68
C SER C 172 -27.48 30.10 -3.80
N ASN C 173 -28.58 29.37 -3.65
CA ASN C 173 -29.67 29.76 -2.76
C ASN C 173 -29.59 29.10 -1.40
N THR C 174 -28.55 28.29 -1.14
CA THR C 174 -28.38 27.62 0.14
C THR C 174 -26.95 27.78 0.61
N THR C 175 -26.74 27.64 1.92
CA THR C 175 -25.41 27.83 2.48
C THR C 175 -24.49 26.65 2.19
N TYR C 176 -25.05 25.49 1.82
CA TYR C 176 -24.24 24.32 1.49
C TYR C 176 -24.95 23.51 0.41
N ARG C 177 -24.32 22.40 0.01
CA ARG C 177 -24.83 21.54 -1.05
C ARG C 177 -24.74 20.08 -0.62
N GLN C 178 -25.47 19.23 -1.34
CA GLN C 178 -25.71 17.86 -0.89
C GLN C 178 -24.74 16.85 -1.46
N THR C 179 -24.22 17.05 -2.67
CA THR C 179 -23.21 16.18 -3.26
C THR C 179 -23.77 14.88 -3.83
N ILE C 180 -25.10 14.69 -3.77
CA ILE C 180 -25.69 13.41 -4.16
C ILE C 180 -26.64 13.57 -5.33
N ASN C 181 -26.35 14.50 -6.24
CA ASN C 181 -27.11 14.66 -7.47
C ASN C 181 -28.58 14.91 -7.18
N ASP C 182 -28.86 16.07 -6.60
CA ASP C 182 -30.22 16.49 -6.27
C ASP C 182 -30.63 17.63 -7.19
N SER C 183 -31.89 17.60 -7.65
CA SER C 183 -32.39 18.67 -8.50
C SER C 183 -32.44 20.00 -7.77
N PHE C 184 -32.82 19.98 -6.49
CA PHE C 184 -32.98 21.23 -5.74
C PHE C 184 -31.65 21.93 -5.49
N THR C 185 -30.52 21.27 -5.73
CA THR C 185 -29.20 21.86 -5.51
C THR C 185 -28.28 21.64 -6.70
N GLU C 186 -28.80 21.78 -7.92
CA GLU C 186 -27.97 21.63 -9.10
C GLU C 186 -26.99 22.80 -9.22
N GLY C 187 -25.89 22.56 -9.93
CA GLY C 187 -24.80 23.52 -10.00
C GLY C 187 -24.64 24.24 -11.33
N GLY C 188 -25.28 23.74 -12.39
CA GLY C 188 -25.17 24.38 -13.69
C GLY C 188 -24.47 23.51 -14.73
N TYR C 189 -23.99 24.17 -15.78
CA TYR C 189 -23.39 23.49 -16.92
C TYR C 189 -22.13 24.23 -17.38
N ILE C 190 -21.30 23.53 -18.15
CA ILE C 190 -20.08 24.08 -18.73
C ILE C 190 -20.02 23.66 -20.18
N SER C 191 -19.36 24.48 -21.02
CA SER C 191 -19.31 24.20 -22.45
C SER C 191 -18.11 24.92 -23.06
N MET C 192 -17.75 24.49 -24.27
CA MET C 192 -16.70 25.14 -25.06
C MET C 192 -17.16 25.21 -26.51
N PHE C 193 -16.77 26.28 -27.20
CA PHE C 193 -17.15 26.50 -28.59
C PHE C 193 -16.00 27.13 -29.35
N TYR C 194 -16.02 26.94 -30.67
CA TYR C 194 -15.10 27.64 -31.55
C TYR C 194 -15.46 29.11 -31.64
N GLN C 195 -14.44 29.96 -31.81
CA GLN C 195 -14.61 31.37 -32.10
C GLN C 195 -14.16 31.73 -33.50
N THR C 196 -13.02 31.19 -33.94
CA THR C 196 -12.56 31.31 -35.31
C THR C 196 -11.84 30.02 -35.67
N ARG C 197 -11.76 29.72 -36.96
CA ARG C 197 -11.11 28.49 -37.38
C ARG C 197 -9.61 28.55 -37.10
N VAL C 198 -8.97 27.40 -37.08
CA VAL C 198 -7.54 27.32 -36.81
C VAL C 198 -6.78 27.44 -38.13
N VAL C 199 -5.65 28.15 -38.10
CA VAL C 199 -4.84 28.41 -39.29
C VAL C 199 -3.55 27.61 -39.18
N VAL C 200 -3.21 26.90 -40.25
CA VAL C 200 -2.00 26.09 -40.29
C VAL C 200 -1.34 26.24 -41.67
N PRO C 201 -0.04 26.54 -41.74
CA PRO C 201 0.64 26.55 -43.05
C PRO C 201 1.01 25.16 -43.54
N LEU C 202 1.74 25.09 -44.65
CA LEU C 202 2.12 23.81 -45.22
C LEU C 202 3.22 23.15 -44.40
N SER C 203 3.44 21.86 -44.68
CA SER C 203 4.49 21.08 -44.02
C SER C 203 4.29 21.03 -42.51
N THR C 204 3.04 20.87 -42.06
CA THR C 204 2.72 20.86 -40.65
C THR C 204 1.66 19.81 -40.36
N PRO C 205 1.72 19.14 -39.21
CA PRO C 205 0.62 18.25 -38.83
C PRO C 205 -0.68 19.03 -38.67
N ARG C 206 -1.78 18.37 -39.04
CA ARG C 206 -3.08 19.02 -39.09
C ARG C 206 -3.95 18.69 -37.88
N LYS C 207 -3.36 18.13 -36.83
CA LYS C 207 -4.11 17.72 -35.63
C LYS C 207 -3.42 18.25 -34.39
N MET C 208 -4.23 18.68 -33.41
CA MET C 208 -3.72 19.22 -32.15
C MET C 208 -4.42 18.56 -30.98
N ASP C 209 -3.79 18.62 -29.81
CA ASP C 209 -4.32 18.05 -28.59
C ASP C 209 -4.36 19.09 -27.49
N ILE C 210 -5.36 18.98 -26.61
CA ILE C 210 -5.58 19.93 -25.53
C ILE C 210 -5.87 19.15 -24.25
N LEU C 211 -5.47 19.71 -23.11
CA LEU C 211 -5.60 19.07 -21.81
C LEU C 211 -6.28 20.03 -20.84
N GLY C 212 -6.84 19.47 -19.77
CA GLY C 212 -7.54 20.27 -18.77
C GLY C 212 -7.12 19.93 -17.35
N PHE C 213 -7.34 20.88 -16.45
CA PHE C 213 -7.06 20.71 -15.03
C PHE C 213 -8.18 21.33 -14.19
N VAL C 214 -8.30 20.86 -12.96
CA VAL C 214 -9.31 21.35 -12.02
C VAL C 214 -8.63 21.57 -10.66
N SER C 215 -9.05 22.62 -9.96
CA SER C 215 -8.51 22.93 -8.65
C SER C 215 -9.55 23.69 -7.85
N ALA C 216 -9.35 23.72 -6.53
CA ALA C 216 -10.26 24.43 -5.64
C ALA C 216 -9.76 25.86 -5.43
N CYS C 217 -10.43 26.58 -4.54
CA CYS C 217 -10.06 27.95 -4.22
C CYS C 217 -9.81 28.08 -2.72
N ASN C 218 -9.56 29.31 -2.27
CA ASN C 218 -9.17 29.56 -0.90
C ASN C 218 -10.35 29.69 0.06
N ASP C 219 -11.58 29.75 -0.44
CA ASP C 219 -12.76 29.85 0.41
C ASP C 219 -13.54 28.55 0.52
N PHE C 220 -13.00 27.44 0.00
CA PHE C 220 -13.69 26.16 0.04
C PHE C 220 -13.74 25.65 1.48
N SER C 221 -14.81 24.91 1.80
CA SER C 221 -14.97 24.38 3.15
C SER C 221 -15.85 23.14 3.13
N VAL C 222 -15.70 22.32 4.17
CA VAL C 222 -16.51 21.12 4.38
C VAL C 222 -16.79 20.99 5.87
N ARG C 223 -17.96 20.41 6.20
CA ARG C 223 -18.42 20.46 7.58
C ARG C 223 -19.10 19.20 8.12
N LEU C 224 -18.97 18.04 7.49
CA LEU C 224 -19.53 16.82 8.06
C LEU C 224 -18.89 15.60 7.42
N LEU C 225 -18.54 14.62 8.25
CA LEU C 225 -17.78 13.46 7.79
C LEU C 225 -18.69 12.25 7.58
N ARG C 226 -18.32 11.39 6.64
CA ARG C 226 -19.05 10.16 6.38
C ARG C 226 -18.12 9.14 5.73
N ASP C 227 -18.67 7.98 5.41
CA ASP C 227 -17.88 6.89 4.82
C ASP C 227 -18.04 6.87 3.31
N THR C 228 -17.11 6.21 2.64
CA THR C 228 -17.13 6.10 1.18
C THR C 228 -17.81 4.81 0.74
N THR C 229 -18.24 4.79 -0.52
CA THR C 229 -18.93 3.64 -1.09
C THR C 229 -18.08 2.85 -2.07
N HIS C 230 -16.82 3.24 -2.29
CA HIS C 230 -15.98 2.53 -3.25
C HIS C 230 -15.64 1.12 -2.78
N ILE C 231 -15.81 0.82 -1.50
CA ILE C 231 -15.66 -0.53 -0.96
C ILE C 231 -16.43 -0.58 0.34
N SER C 232 -17.13 -1.70 0.58
CA SER C 232 -18.25 -1.72 1.52
C SER C 232 -18.01 -2.66 2.69
N GLN C 233 -18.75 -2.40 3.77
CA GLN C 233 -18.84 -3.28 4.92
C GLN C 233 -19.58 -4.56 4.55
N GLU C 234 -19.43 -5.58 5.41
CA GLU C 234 -20.08 -6.87 5.21
C GLU C 234 -20.54 -7.42 6.55
N ALA C 235 -21.60 -8.22 6.53
CA ALA C 235 -22.12 -8.85 7.74
C ALA C 235 -21.64 -10.30 7.85
N GLY D 1 -5.26 22.83 40.71
CA GLY D 1 -4.52 22.97 39.42
C GLY D 1 -5.41 22.78 38.21
N ALA D 2 -6.61 23.36 38.26
CA ALA D 2 -7.55 23.23 37.17
C ALA D 2 -7.22 24.21 36.04
N GLN D 3 -7.80 23.94 34.87
CA GLN D 3 -7.65 24.79 33.70
C GLN D 3 -9.02 25.03 33.10
N VAL D 4 -9.24 26.24 32.58
CA VAL D 4 -10.55 26.67 32.10
C VAL D 4 -10.42 27.14 30.66
N SER D 5 -11.51 26.98 29.91
CA SER D 5 -11.56 27.40 28.52
C SER D 5 -13.02 27.54 28.10
N SER D 6 -13.22 28.20 26.96
CA SER D 6 -14.56 28.43 26.44
C SER D 6 -15.06 27.20 25.69
N GLN D 7 -16.36 26.94 25.80
CA GLN D 7 -16.95 25.83 25.07
C GLN D 7 -16.95 26.08 23.57
N LYS D 8 -16.92 27.34 23.15
CA LYS D 8 -16.90 27.67 21.73
C LYS D 8 -15.48 27.70 21.20
N ILE D 24 -19.79 30.72 30.43
CA ILE D 24 -20.01 29.69 29.42
C ILE D 24 -18.78 28.77 29.34
N ASN D 25 -17.91 28.87 30.32
CA ASN D 25 -16.66 28.12 30.31
C ASN D 25 -16.89 26.66 30.69
N TYR D 26 -15.84 25.86 30.53
CA TYR D 26 -15.83 24.48 30.98
C TYR D 26 -14.54 24.23 31.76
N THR D 27 -14.47 23.07 32.40
CA THR D 27 -13.39 22.75 33.32
C THR D 27 -12.76 21.42 32.92
N THR D 28 -11.47 21.28 33.24
CA THR D 28 -10.70 20.09 32.90
C THR D 28 -9.75 19.73 34.03
N ILE D 29 -9.60 18.43 34.28
CA ILE D 29 -8.69 17.93 35.31
C ILE D 29 -7.98 16.71 34.77
N ASN D 30 -6.70 16.57 35.11
CA ASN D 30 -5.89 15.42 34.74
C ASN D 30 -5.58 14.61 36.00
N TYR D 31 -5.88 13.32 35.97
CA TYR D 31 -5.66 12.44 37.12
C TYR D 31 -4.42 11.58 36.99
N TYR D 32 -4.17 11.02 35.81
CA TYR D 32 -3.03 10.13 35.59
C TYR D 32 -1.82 10.95 35.23
N ARG D 33 -0.70 10.67 35.88
CA ARG D 33 0.55 11.41 35.62
C ARG D 33 1.35 10.76 34.49
N ASP D 34 0.68 10.60 33.34
CA ASP D 34 1.30 10.12 32.12
C ASP D 34 0.64 10.81 30.95
N SER D 35 1.45 11.31 30.01
CA SER D 35 0.90 12.08 28.91
C SER D 35 -0.04 11.24 28.06
N ALA D 36 0.31 9.99 27.79
CA ALA D 36 -0.52 9.15 26.93
C ALA D 36 -1.89 8.89 27.52
N SER D 37 -2.05 9.07 28.84
CA SER D 37 -3.35 8.88 29.48
C SER D 37 -4.23 10.13 29.41
N ASN D 38 -3.69 11.26 28.95
CA ASN D 38 -4.47 12.48 28.90
C ASN D 38 -5.42 12.49 27.71
N ALA D 39 -6.38 13.41 27.75
CA ALA D 39 -7.35 13.54 26.67
C ALA D 39 -6.79 14.41 25.56
N ALA D 40 -7.65 14.73 24.59
CA ALA D 40 -7.23 15.52 23.43
C ALA D 40 -7.56 16.99 23.63
N SER D 41 -7.06 17.82 22.71
CA SER D 41 -7.34 19.25 22.70
C SER D 41 -7.44 19.69 21.24
N LYS D 42 -7.97 20.90 21.05
CA LYS D 42 -8.22 21.45 19.71
C LYS D 42 -7.48 22.77 19.50
N GLN D 43 -6.32 22.95 20.11
CA GLN D 43 -5.67 24.26 20.20
C GLN D 43 -4.61 24.47 19.11
N ASP D 44 -5.01 24.56 17.84
CA ASP D 44 -4.06 24.93 16.79
C ASP D 44 -4.83 25.18 15.49
N PHE D 45 -4.41 26.21 14.77
CA PHE D 45 -5.06 26.59 13.52
C PHE D 45 -4.06 27.05 12.47
N ALA D 46 -2.76 26.94 12.75
CA ALA D 46 -1.75 27.43 11.83
C ALA D 46 -1.78 26.64 10.51
N GLN D 47 -1.58 27.34 9.40
CA GLN D 47 -1.57 26.72 8.09
C GLN D 47 -0.84 27.62 7.10
N ASP D 48 -0.09 26.98 6.18
CA ASP D 48 0.62 27.71 5.14
C ASP D 48 0.93 26.76 3.98
N PRO D 49 0.28 26.94 2.82
CA PRO D 49 0.49 25.99 1.71
C PRO D 49 1.65 26.32 0.78
N SER D 50 2.30 27.46 0.93
CA SER D 50 3.34 27.86 -0.01
C SER D 50 4.53 26.92 0.07
N LYS D 51 4.72 26.12 -0.99
CA LYS D 51 5.77 25.11 -1.03
C LYS D 51 6.45 25.02 -2.39
N PHE D 52 6.63 26.14 -3.08
CA PHE D 52 7.15 26.13 -4.44
C PHE D 52 8.62 26.52 -4.52
N THR D 53 9.01 27.68 -3.98
CA THR D 53 10.38 28.16 -4.15
C THR D 53 10.73 29.11 -3.01
N GLU D 54 12.04 29.25 -2.75
CA GLU D 54 12.53 30.12 -1.68
C GLU D 54 13.86 30.74 -2.12
N PRO D 55 14.05 32.05 -1.92
CA PRO D 55 15.31 32.69 -2.33
C PRO D 55 16.43 32.70 -1.29
N ILE D 56 16.15 32.36 -0.04
CA ILE D 56 17.14 32.54 1.02
C ILE D 56 18.17 31.42 0.96
N LYS D 57 19.40 31.77 0.58
CA LYS D 57 20.47 30.78 0.49
C LYS D 57 21.81 31.31 0.98
N ASP D 58 22.11 32.57 0.69
CA ASP D 58 23.47 33.11 0.80
C ASP D 58 23.67 33.84 2.12
N VAL D 59 24.77 33.53 2.80
CA VAL D 59 25.24 34.25 3.98
C VAL D 59 26.75 34.34 3.90
N LEU D 60 27.31 35.50 4.25
CA LEU D 60 28.74 35.74 4.14
C LEU D 60 29.46 35.35 5.43
N ILE D 61 30.04 34.14 5.40
CA ILE D 61 30.75 33.62 6.57
C ILE D 61 32.17 34.17 6.64
N LYS D 62 32.90 34.14 5.52
CA LYS D 62 34.32 34.46 5.55
C LYS D 62 34.59 35.93 5.87
N THR D 63 33.56 36.77 5.86
CA THR D 63 33.70 38.19 6.22
C THR D 63 33.42 38.41 7.69
N ALA D 64 33.58 37.38 8.52
CA ALA D 64 33.37 37.52 9.94
C ALA D 64 34.52 38.31 10.57
N PRO D 65 34.22 39.37 11.31
CA PRO D 65 35.28 40.07 12.07
C PRO D 65 35.67 39.37 13.36
N THR D 66 34.98 38.30 13.75
CA THR D 66 35.19 37.64 15.03
C THR D 66 35.63 36.20 14.80
N LEU D 67 36.49 35.71 15.70
CA LEU D 67 36.94 34.34 15.67
C LEU D 67 36.84 33.76 17.08
N ASN D 68 36.65 32.45 17.16
CA ASN D 68 36.51 31.77 18.43
C ASN D 68 37.86 31.23 18.91
N GLN E 1 -10.72 -42.74 17.99
CA GLN E 1 -12.10 -42.29 18.09
C GLN E 1 -12.71 -42.19 16.70
N VAL E 2 -12.67 -40.99 16.12
CA VAL E 2 -13.10 -40.82 14.73
C VAL E 2 -12.10 -41.53 13.82
N GLN E 3 -12.62 -42.35 12.91
CA GLN E 3 -11.79 -43.18 12.05
C GLN E 3 -12.26 -43.10 10.61
N LEU E 4 -11.30 -43.18 9.69
CA LEU E 4 -11.55 -43.11 8.26
C LEU E 4 -11.58 -44.52 7.65
N GLN E 5 -12.04 -44.57 6.40
CA GLN E 5 -12.05 -45.81 5.63
C GLN E 5 -11.92 -45.47 4.15
N GLN E 6 -11.21 -46.33 3.42
CA GLN E 6 -10.94 -46.12 2.01
C GLN E 6 -11.63 -47.18 1.17
N SER E 7 -12.04 -46.78 -0.03
CA SER E 7 -12.70 -47.68 -0.95
C SER E 7 -12.51 -47.17 -2.37
N GLY E 8 -12.67 -48.06 -3.34
CA GLY E 8 -12.56 -47.71 -4.74
C GLY E 8 -11.71 -48.71 -5.51
N PRO E 9 -11.76 -48.65 -6.84
CA PRO E 9 -10.98 -49.59 -7.65
C PRO E 9 -9.49 -49.45 -7.37
N GLY E 10 -8.80 -50.59 -7.39
CA GLY E 10 -7.36 -50.62 -7.19
C GLY E 10 -6.54 -50.78 -8.44
N LEU E 11 -7.17 -50.99 -9.59
CA LEU E 11 -6.49 -51.18 -10.86
C LEU E 11 -7.04 -50.21 -11.89
N VAL E 12 -6.17 -49.74 -12.77
CA VAL E 12 -6.53 -48.76 -13.80
C VAL E 12 -5.81 -49.12 -15.09
N LYS E 13 -6.40 -48.71 -16.21
CA LYS E 13 -5.80 -48.86 -17.52
C LYS E 13 -5.56 -47.47 -18.11
N PRO E 14 -4.52 -47.30 -18.92
CA PRO E 14 -4.25 -45.96 -19.46
C PRO E 14 -5.44 -45.41 -20.23
N SER E 15 -5.66 -44.10 -20.11
CA SER E 15 -6.71 -43.34 -20.77
C SER E 15 -8.08 -43.49 -20.09
N GLU E 16 -8.20 -44.27 -19.02
CA GLU E 16 -9.47 -44.43 -18.34
C GLU E 16 -9.67 -43.30 -17.32
N THR E 17 -10.78 -43.38 -16.59
CA THR E 17 -11.10 -42.43 -15.53
C THR E 17 -11.09 -43.16 -14.18
N LEU E 18 -10.39 -42.57 -13.21
CA LEU E 18 -10.22 -43.16 -11.89
C LEU E 18 -10.98 -42.34 -10.86
N SER E 19 -11.77 -43.02 -10.02
CA SER E 19 -12.51 -42.38 -8.94
C SER E 19 -12.36 -43.19 -7.66
N LEU E 20 -12.24 -42.48 -6.53
CA LEU E 20 -12.14 -43.10 -5.22
C LEU E 20 -13.05 -42.38 -4.24
N THR E 21 -13.46 -43.10 -3.20
CA THR E 21 -14.33 -42.54 -2.17
C THR E 21 -13.82 -42.98 -0.79
N CYS E 22 -13.79 -42.03 0.14
CA CYS E 22 -13.36 -42.27 1.51
C CYS E 22 -14.54 -42.05 2.45
N ALA E 23 -14.62 -42.87 3.50
CA ALA E 23 -15.76 -42.86 4.39
C ALA E 23 -15.35 -42.33 5.77
N ILE E 24 -16.24 -41.54 6.36
CA ILE E 24 -16.03 -40.96 7.69
C ILE E 24 -16.93 -41.69 8.68
N SER E 25 -16.35 -42.09 9.81
CA SER E 25 -17.08 -42.75 10.88
C SER E 25 -16.87 -41.97 12.17
N GLY E 26 -17.96 -41.57 12.82
CA GLY E 26 -17.90 -40.82 14.05
C GLY E 26 -17.80 -39.32 13.90
N ASP E 27 -17.94 -38.79 12.69
CA ASP E 27 -17.91 -37.35 12.48
C ASP E 27 -18.80 -37.00 11.30
N SER E 28 -19.14 -35.71 11.20
CA SER E 28 -20.02 -35.20 10.15
C SER E 28 -19.19 -34.50 9.08
N VAL E 29 -19.48 -34.79 7.81
CA VAL E 29 -18.74 -34.17 6.72
C VAL E 29 -18.98 -32.67 6.69
N SER E 30 -20.19 -32.22 7.02
CA SER E 30 -20.51 -30.80 7.04
C SER E 30 -19.91 -30.06 8.23
N SER E 31 -19.00 -30.68 8.97
CA SER E 31 -18.39 -30.04 10.13
C SER E 31 -17.81 -28.69 9.75
N LYS E 32 -18.07 -27.68 10.58
CA LYS E 32 -17.61 -26.32 10.32
C LYS E 32 -16.21 -26.06 10.83
N SER E 33 -15.53 -27.04 11.41
CA SER E 33 -14.19 -26.89 11.95
C SER E 33 -13.31 -28.05 11.54
N ALA E 34 -13.37 -28.43 10.27
CA ALA E 34 -12.58 -29.55 9.76
C ALA E 34 -12.36 -29.38 8.26
N ALA E 35 -11.41 -30.14 7.73
CA ALA E 35 -11.12 -30.12 6.31
C ALA E 35 -10.63 -31.49 5.90
N TRP E 36 -10.74 -31.80 4.61
CA TRP E 36 -10.41 -33.11 4.07
C TRP E 36 -9.50 -32.95 2.87
N ASN E 37 -8.46 -33.78 2.82
CA ASN E 37 -7.38 -33.65 1.84
C ASN E 37 -7.11 -34.99 1.19
N TRP E 38 -6.51 -34.95 0.00
CA TRP E 38 -6.07 -36.15 -0.71
C TRP E 38 -4.56 -36.11 -0.91
N ILE E 39 -3.92 -37.26 -0.68
CA ILE E 39 -2.47 -37.37 -0.76
C ILE E 39 -2.10 -38.69 -1.43
N ARG E 40 -0.98 -38.69 -2.14
CA ARG E 40 -0.43 -39.90 -2.73
C ARG E 40 1.06 -39.99 -2.42
N GLN E 41 1.54 -41.22 -2.29
CA GLN E 41 2.94 -41.49 -1.98
C GLN E 41 3.49 -42.52 -2.95
N SER E 42 4.70 -42.28 -3.44
CA SER E 42 5.39 -43.21 -4.32
C SER E 42 6.87 -43.17 -3.98
N PRO E 43 7.55 -44.32 -3.99
CA PRO E 43 8.98 -44.31 -3.64
C PRO E 43 9.82 -43.39 -4.52
N SER E 44 9.49 -43.30 -5.81
CA SER E 44 10.26 -42.47 -6.72
C SER E 44 10.10 -40.98 -6.46
N ARG E 45 9.03 -40.57 -5.77
CA ARG E 45 8.72 -39.16 -5.60
C ARG E 45 8.44 -38.74 -4.16
N GLY E 46 8.18 -39.66 -3.24
CA GLY E 46 7.86 -39.26 -1.88
C GLY E 46 6.45 -38.72 -1.74
N LEU E 47 6.26 -37.88 -0.73
CA LEU E 47 4.95 -37.32 -0.43
C LEU E 47 4.67 -36.08 -1.28
N GLU E 48 3.40 -35.89 -1.62
CA GLU E 48 2.96 -34.72 -2.37
C GLU E 48 1.45 -34.54 -2.19
N TRP E 49 1.00 -33.30 -2.31
CA TRP E 49 -0.37 -32.91 -2.01
C TRP E 49 -1.13 -32.62 -3.30
N LEU E 50 -2.42 -32.95 -3.31
CA LEU E 50 -3.26 -32.82 -4.50
C LEU E 50 -4.34 -31.75 -4.37
N GLY E 51 -5.20 -31.85 -3.37
CA GLY E 51 -6.29 -30.91 -3.24
C GLY E 51 -7.10 -31.18 -1.99
N ARG E 52 -8.14 -30.39 -1.81
CA ARG E 52 -8.96 -30.45 -0.60
C ARG E 52 -10.28 -29.72 -0.83
N THR E 53 -11.22 -29.93 0.08
CA THR E 53 -12.52 -29.28 0.05
C THR E 53 -13.05 -29.13 1.47
N TYR E 54 -13.93 -28.15 1.66
CA TYR E 54 -14.52 -27.91 2.97
C TYR E 54 -15.80 -27.11 2.79
N TYR E 55 -16.62 -27.12 3.83
CA TYR E 55 -17.91 -26.45 3.83
C TYR E 55 -17.96 -25.41 4.95
N ARG E 56 -18.12 -24.13 4.56
CA ARG E 56 -18.27 -23.03 5.50
C ARG E 56 -19.43 -22.16 5.02
N SER E 57 -20.65 -22.53 5.42
CA SER E 57 -21.86 -21.84 4.97
C SER E 57 -22.08 -22.04 3.47
N LYS E 58 -21.21 -22.81 2.82
CA LYS E 58 -21.24 -23.00 1.39
C LYS E 58 -20.13 -23.98 1.03
N TRP E 59 -20.24 -24.58 -0.15
CA TRP E 59 -19.21 -25.52 -0.58
C TRP E 59 -18.10 -24.77 -1.32
N SER E 60 -16.87 -25.28 -1.18
CA SER E 60 -15.70 -24.63 -1.73
C SER E 60 -14.68 -25.71 -2.07
N HIS E 61 -13.70 -25.33 -2.89
CA HIS E 61 -12.70 -26.26 -3.39
C HIS E 61 -11.35 -25.57 -3.47
N ASN E 62 -10.28 -26.36 -3.36
CA ASN E 62 -8.91 -25.91 -3.56
C ASN E 62 -8.12 -27.02 -4.24
N TYR E 63 -7.35 -26.65 -5.26
CA TYR E 63 -6.65 -27.63 -6.08
C TYR E 63 -5.20 -27.20 -6.30
N ALA E 64 -4.33 -28.18 -6.50
CA ALA E 64 -2.93 -27.89 -6.79
C ALA E 64 -2.78 -27.29 -8.18
N VAL E 65 -1.83 -26.37 -8.33
CA VAL E 65 -1.66 -25.66 -9.59
C VAL E 65 -1.30 -26.63 -10.71
N SER E 66 -0.35 -27.54 -10.45
CA SER E 66 0.20 -28.38 -11.49
C SER E 66 -0.84 -29.30 -12.14
N VAL E 67 -1.85 -29.76 -11.40
CA VAL E 67 -2.84 -30.69 -11.93
C VAL E 67 -4.24 -30.13 -11.72
N ARG E 68 -4.35 -28.80 -11.75
CA ARG E 68 -5.63 -28.16 -11.42
C ARG E 68 -6.75 -28.59 -12.36
N SER E 69 -6.47 -28.66 -13.66
CA SER E 69 -7.51 -28.95 -14.64
C SER E 69 -7.81 -30.45 -14.77
N ARG E 70 -6.96 -31.32 -14.23
CA ARG E 70 -7.14 -32.74 -14.39
C ARG E 70 -7.87 -33.39 -13.22
N VAL E 71 -8.15 -32.65 -12.15
CA VAL E 71 -8.65 -33.22 -10.91
C VAL E 71 -10.01 -32.64 -10.60
N THR E 72 -10.88 -33.49 -10.04
CA THR E 72 -12.20 -33.08 -9.59
C THR E 72 -12.57 -33.87 -8.34
N ILE E 73 -13.05 -33.17 -7.32
CA ILE E 73 -13.43 -33.75 -6.04
C ILE E 73 -14.85 -33.32 -5.73
N ASN E 74 -15.69 -34.27 -5.33
CA ASN E 74 -17.10 -34.00 -5.07
C ASN E 74 -17.51 -34.61 -3.75
N PRO E 75 -18.40 -33.97 -2.99
CA PRO E 75 -18.86 -34.55 -1.72
C PRO E 75 -20.08 -35.45 -1.89
N ASP E 76 -20.49 -36.06 -0.78
CA ASP E 76 -21.69 -36.89 -0.72
C ASP E 76 -22.26 -36.78 0.69
N THR E 77 -23.26 -35.91 0.86
CA THR E 77 -23.83 -35.70 2.18
C THR E 77 -24.54 -36.94 2.71
N SER E 78 -25.31 -37.63 1.86
CA SER E 78 -26.07 -38.79 2.33
C SER E 78 -25.16 -39.88 2.86
N LYS E 79 -24.07 -40.17 2.16
CA LYS E 79 -23.16 -41.23 2.57
C LYS E 79 -22.16 -40.79 3.62
N ASN E 80 -22.10 -39.50 3.94
CA ASN E 80 -21.04 -38.95 4.78
C ASN E 80 -19.68 -39.29 4.16
N GLN E 81 -19.61 -39.11 2.85
CA GLN E 81 -18.46 -39.51 2.05
C GLN E 81 -18.13 -38.41 1.06
N PHE E 82 -16.87 -38.39 0.62
CA PHE E 82 -16.41 -37.49 -0.42
C PHE E 82 -15.62 -38.29 -1.44
N SER E 83 -15.80 -37.94 -2.72
CA SER E 83 -15.31 -38.76 -3.83
C SER E 83 -14.27 -37.99 -4.63
N LEU E 84 -13.29 -38.73 -5.15
CA LEU E 84 -12.25 -38.19 -6.02
C LEU E 84 -12.50 -38.64 -7.45
N HIS E 85 -12.11 -37.81 -8.41
CA HIS E 85 -12.15 -38.15 -9.82
C HIS E 85 -10.90 -37.66 -10.52
N LEU E 86 -10.26 -38.54 -11.29
CA LEU E 86 -9.05 -38.21 -12.02
C LEU E 86 -9.17 -38.74 -13.44
N ASN E 87 -8.73 -37.93 -14.41
CA ASN E 87 -8.80 -38.28 -15.82
C ASN E 87 -7.39 -38.30 -16.41
N SER E 88 -7.30 -38.74 -17.66
CA SER E 88 -6.02 -38.85 -18.36
C SER E 88 -5.03 -39.70 -17.56
N VAL E 89 -5.50 -40.83 -17.04
CA VAL E 89 -4.62 -41.69 -16.25
C VAL E 89 -3.44 -42.17 -17.10
N THR E 90 -2.28 -42.29 -16.46
CA THR E 90 -1.05 -42.71 -17.11
C THR E 90 -0.24 -43.57 -16.15
N PRO E 91 0.82 -44.23 -16.62
CA PRO E 91 1.59 -45.11 -15.72
C PRO E 91 2.14 -44.43 -14.48
N GLU E 92 2.45 -43.14 -14.57
CA GLU E 92 3.03 -42.45 -13.42
C GLU E 92 2.08 -42.41 -12.23
N ASP E 93 0.78 -42.59 -12.47
CA ASP E 93 -0.21 -42.54 -11.40
C ASP E 93 -0.14 -43.73 -10.45
N THR E 94 0.63 -44.77 -10.79
CA THR E 94 0.74 -45.94 -9.94
C THR E 94 1.43 -45.55 -8.64
N ALA E 95 0.67 -45.54 -7.55
CA ALA E 95 1.20 -45.10 -6.26
C ALA E 95 0.17 -45.39 -5.18
N VAL E 96 0.54 -45.08 -3.94
CA VAL E 96 -0.37 -45.24 -2.81
C VAL E 96 -1.17 -43.95 -2.64
N TYR E 97 -2.39 -44.08 -2.13
CA TYR E 97 -3.28 -42.95 -1.95
C TYR E 97 -3.94 -43.04 -0.58
N TYR E 98 -4.10 -41.89 0.08
CA TYR E 98 -4.76 -41.79 1.38
C TYR E 98 -5.82 -40.71 1.37
N CYS E 99 -6.77 -40.83 2.29
CA CYS E 99 -7.66 -39.74 2.67
C CYS E 99 -7.36 -39.35 4.11
N THR E 100 -7.38 -38.04 4.37
CA THR E 100 -6.90 -37.54 5.64
C THR E 100 -7.78 -36.40 6.14
N ARG E 101 -7.49 -35.95 7.36
CA ARG E 101 -8.19 -34.86 8.03
C ARG E 101 -7.20 -33.79 8.45
N ALA E 102 -7.67 -32.56 8.58
CA ALA E 102 -6.86 -31.44 9.02
C ALA E 102 -7.49 -30.76 10.23
N SER E 103 -6.64 -30.28 11.15
CA SER E 103 -7.10 -29.55 12.33
C SER E 103 -6.58 -28.12 12.29
N PRO E 104 -7.29 -27.18 12.93
CA PRO E 104 -6.94 -25.75 12.81
C PRO E 104 -5.79 -25.32 13.71
N SER E 105 -4.82 -24.64 13.11
CA SER E 105 -3.76 -24.00 13.89
C SER E 105 -4.29 -22.75 14.57
N ALA E 106 -3.43 -22.09 15.33
CA ALA E 106 -3.83 -20.94 16.13
C ALA E 106 -2.92 -19.75 15.85
N TYR E 107 -3.17 -19.04 14.75
CA TYR E 107 -2.70 -17.67 14.59
C TYR E 107 -3.76 -16.78 13.95
N THR E 108 -4.70 -17.39 13.24
CA THR E 108 -5.94 -16.72 12.83
C THR E 108 -5.66 -15.56 11.87
N HIS E 109 -6.69 -15.18 11.09
CA HIS E 109 -6.63 -14.03 10.18
C HIS E 109 -5.71 -14.24 8.99
N GLY E 110 -5.45 -13.16 8.25
CA GLY E 110 -5.12 -13.23 6.84
C GLY E 110 -6.40 -12.94 6.09
N TRP E 111 -6.81 -13.84 5.20
CA TRP E 111 -8.21 -13.91 4.81
C TRP E 111 -9.00 -14.53 5.95
N TYR E 112 -10.04 -13.82 6.41
CA TYR E 112 -10.65 -14.11 7.70
C TYR E 112 -10.81 -15.61 7.93
N GLY E 113 -10.25 -16.07 9.04
CA GLY E 113 -10.36 -17.46 9.43
C GLY E 113 -9.15 -17.94 10.21
N SER E 114 -8.76 -19.20 9.98
CA SER E 114 -7.58 -19.77 10.62
C SER E 114 -6.85 -20.63 9.60
N TYR E 115 -5.69 -21.14 9.99
CA TYR E 115 -4.81 -21.84 9.07
C TYR E 115 -4.74 -23.32 9.45
N TYR E 116 -4.65 -24.16 8.42
CA TYR E 116 -4.64 -25.61 8.60
C TYR E 116 -3.29 -26.13 8.13
N TYR E 117 -2.33 -26.21 9.05
CA TYR E 117 -0.96 -26.56 8.65
C TYR E 117 -0.90 -27.92 7.99
N GLY E 118 -1.50 -28.93 8.60
CA GLY E 118 -1.29 -30.29 8.16
C GLY E 118 -2.44 -31.18 8.62
N MET E 119 -2.08 -32.40 9.00
CA MET E 119 -3.05 -33.47 9.16
C MET E 119 -2.71 -34.32 10.38
N ASP E 120 -3.72 -34.96 10.95
CA ASP E 120 -3.57 -35.77 12.15
C ASP E 120 -4.08 -37.20 11.99
N VAL E 121 -5.16 -37.40 11.24
CA VAL E 121 -5.74 -38.72 11.02
C VAL E 121 -5.36 -39.19 9.62
N TRP E 122 -4.91 -40.43 9.51
CA TRP E 122 -4.48 -41.00 8.25
C TRP E 122 -5.19 -42.32 8.00
N GLY E 123 -5.49 -42.59 6.73
CA GLY E 123 -6.09 -43.85 6.34
C GLY E 123 -5.05 -44.94 6.18
N GLN E 124 -5.53 -46.12 5.81
CA GLN E 124 -4.64 -47.26 5.63
C GLN E 124 -3.79 -47.15 4.36
N GLY E 125 -4.24 -46.39 3.36
CA GLY E 125 -3.54 -46.31 2.10
C GLY E 125 -4.04 -47.34 1.11
N THR E 126 -4.58 -46.89 -0.02
CA THR E 126 -5.12 -47.76 -1.05
C THR E 126 -4.27 -47.62 -2.30
N THR E 127 -3.88 -48.76 -2.87
CA THR E 127 -2.94 -48.75 -3.98
C THR E 127 -3.68 -48.73 -5.32
N VAL E 128 -3.14 -47.98 -6.27
CA VAL E 128 -3.70 -47.88 -7.62
C VAL E 128 -2.60 -48.27 -8.60
N THR E 129 -2.95 -49.14 -9.54
CA THR E 129 -1.98 -49.70 -10.49
C THR E 129 -2.45 -49.41 -11.92
N VAL E 130 -1.50 -49.01 -12.76
CA VAL E 130 -1.75 -48.82 -14.19
C VAL E 130 -0.89 -49.80 -14.96
N SER E 131 -1.52 -50.61 -15.81
CA SER E 131 -0.84 -51.68 -16.52
C SER E 131 -1.39 -51.79 -17.92
N SER E 132 -0.64 -52.48 -18.79
CA SER E 132 -1.01 -52.70 -20.19
C SER E 132 -0.70 -51.46 -21.01
N GLN F 1 11.20 -24.56 -8.94
CA GLN F 1 10.44 -24.59 -7.69
C GLN F 1 11.35 -24.74 -6.48
N SER F 2 11.11 -23.91 -5.47
CA SER F 2 11.80 -24.08 -4.20
C SER F 2 11.37 -25.37 -3.53
N ALA F 3 12.34 -26.11 -2.99
CA ALA F 3 12.07 -27.37 -2.32
C ALA F 3 12.90 -27.45 -1.04
N LEU F 4 12.33 -28.08 -0.03
CA LEU F 4 13.00 -28.17 1.27
C LEU F 4 14.14 -29.17 1.22
N THR F 5 15.15 -28.93 2.06
CA THR F 5 16.36 -29.74 2.10
C THR F 5 16.48 -30.39 3.48
N GLN F 6 16.85 -31.67 3.49
CA GLN F 6 17.06 -32.43 4.72
C GLN F 6 18.35 -33.22 4.63
N PRO F 7 18.97 -33.53 5.76
CA PRO F 7 20.15 -34.41 5.74
C PRO F 7 19.77 -35.82 5.33
N ALA F 8 20.70 -36.49 4.65
CA ALA F 8 20.38 -37.79 4.06
C ALA F 8 19.99 -38.82 5.10
N SER F 9 20.82 -38.99 6.14
CA SER F 9 20.54 -39.98 7.16
C SER F 9 21.43 -39.71 8.37
N VAL F 10 20.94 -40.12 9.54
CA VAL F 10 21.68 -40.00 10.79
C VAL F 10 21.32 -41.18 11.70
N SER F 11 22.30 -41.61 12.49
CA SER F 11 22.10 -42.70 13.43
C SER F 11 22.98 -42.47 14.64
N GLY F 12 22.66 -43.16 15.73
CA GLY F 12 23.36 -42.98 16.98
C GLY F 12 23.15 -44.18 17.89
N SER F 13 23.40 -43.95 19.17
CA SER F 13 23.29 -45.00 20.17
C SER F 13 22.31 -44.59 21.27
N PRO F 14 21.69 -45.54 21.97
CA PRO F 14 20.70 -45.19 22.98
C PRO F 14 21.28 -44.28 24.06
N GLY F 15 20.43 -43.38 24.56
CA GLY F 15 20.82 -42.47 25.63
C GLY F 15 21.48 -41.20 25.18
N GLN F 16 21.69 -41.01 23.88
CA GLN F 16 22.37 -39.85 23.35
C GLN F 16 21.36 -38.78 22.95
N SER F 17 21.84 -37.70 22.34
CA SER F 17 20.98 -36.62 21.86
C SER F 17 21.17 -36.47 20.37
N ILE F 18 20.10 -36.08 19.68
CA ILE F 18 20.08 -36.03 18.23
C ILE F 18 19.48 -34.70 17.79
N THR F 19 19.96 -34.19 16.65
CA THR F 19 19.47 -32.96 16.06
C THR F 19 19.29 -33.15 14.56
N ILE F 20 18.19 -32.62 14.03
CA ILE F 20 17.90 -32.66 12.60
C ILE F 20 17.38 -31.30 12.18
N SER F 21 17.68 -30.89 10.95
CA SER F 21 17.29 -29.59 10.44
C SER F 21 16.69 -29.72 9.05
N CYS F 22 15.66 -28.92 8.79
CA CYS F 22 15.04 -28.79 7.48
C CYS F 22 15.18 -27.35 7.02
N THR F 23 15.68 -27.16 5.80
CA THR F 23 15.98 -25.82 5.30
C THR F 23 15.56 -25.72 3.84
N GLY F 24 15.15 -24.52 3.45
CA GLY F 24 14.73 -24.26 2.09
C GLY F 24 14.81 -22.78 1.78
N SER F 25 14.18 -22.39 0.68
CA SER F 25 14.19 -21.01 0.25
C SER F 25 13.42 -20.14 1.24
N SER F 26 13.49 -18.82 1.02
CA SER F 26 12.84 -17.88 1.92
C SER F 26 11.32 -17.97 1.81
N SER F 27 10.81 -18.18 0.60
CA SER F 27 9.37 -18.18 0.38
C SER F 27 8.66 -19.29 1.13
N ASP F 28 9.38 -20.32 1.59
CA ASP F 28 8.78 -21.49 2.20
C ASP F 28 8.77 -21.47 3.72
N ILE F 29 9.81 -20.89 4.36
CA ILE F 29 9.95 -21.00 5.80
C ILE F 29 10.08 -19.63 6.43
N SER F 30 10.56 -18.65 5.66
CA SER F 30 10.93 -17.36 6.22
C SER F 30 9.73 -16.46 6.52
N ASP F 31 8.52 -16.84 6.11
CA ASP F 31 7.35 -16.00 6.33
C ASP F 31 6.86 -16.06 7.78
N TYR F 32 6.56 -17.26 8.27
CA TYR F 32 6.01 -17.44 9.62
C TYR F 32 6.41 -18.81 10.12
N ASN F 33 5.75 -19.24 11.20
CA ASN F 33 6.02 -20.52 11.85
C ASN F 33 5.14 -21.64 11.35
N TYR F 34 4.70 -21.59 10.09
CA TYR F 34 3.86 -22.64 9.52
C TYR F 34 4.71 -23.87 9.19
N VAL F 35 4.99 -24.65 10.24
CA VAL F 35 5.89 -25.79 10.15
C VAL F 35 5.29 -26.95 10.95
N ALA F 36 5.43 -28.17 10.42
CA ALA F 36 4.93 -29.36 11.10
C ALA F 36 5.82 -30.54 10.72
N TRP F 37 5.75 -31.60 11.52
CA TRP F 37 6.59 -32.77 11.35
C TRP F 37 5.75 -34.04 11.33
N TYR F 38 6.21 -35.04 10.57
CA TYR F 38 5.55 -36.33 10.45
C TYR F 38 6.58 -37.45 10.55
N GLN F 39 6.11 -38.62 10.98
CA GLN F 39 6.94 -39.80 11.11
C GLN F 39 6.25 -41.00 10.49
N GLN F 40 7.06 -41.92 9.96
CA GLN F 40 6.57 -43.12 9.29
C GLN F 40 7.41 -44.32 9.70
N HIS F 41 6.81 -45.49 9.64
CA HIS F 41 7.47 -46.75 9.95
C HIS F 41 7.21 -47.73 8.82
N PRO F 42 8.09 -48.74 8.65
CA PRO F 42 7.89 -49.70 7.57
C PRO F 42 6.50 -50.31 7.58
N GLY F 43 5.77 -50.17 6.47
CA GLY F 43 4.42 -50.69 6.39
C GLY F 43 3.39 -49.93 7.20
N LYS F 44 3.76 -48.78 7.76
CA LYS F 44 2.87 -47.99 8.58
C LYS F 44 2.58 -46.64 7.92
N ALA F 45 1.34 -46.17 8.09
CA ALA F 45 0.97 -44.86 7.59
C ALA F 45 1.68 -43.78 8.39
N PRO F 46 1.88 -42.59 7.81
CA PRO F 46 2.55 -41.52 8.55
C PRO F 46 1.79 -41.13 9.80
N LYS F 47 2.54 -40.67 10.81
CA LYS F 47 1.99 -40.25 12.08
C LYS F 47 2.50 -38.85 12.42
N LEU F 48 1.62 -38.04 12.98
CA LEU F 48 1.98 -36.70 13.42
C LEU F 48 2.75 -36.76 14.73
N ILE F 49 3.72 -35.86 14.88
CA ILE F 49 4.49 -35.79 16.12
C ILE F 49 4.42 -34.36 16.66
N ILE F 50 4.77 -33.39 15.82
CA ILE F 50 4.82 -31.99 16.22
C ILE F 50 4.04 -31.15 15.23
N SER F 51 3.31 -30.17 15.74
CA SER F 51 2.65 -29.18 14.92
C SER F 51 2.99 -27.79 15.45
N ASP F 52 3.09 -26.83 14.54
CA ASP F 52 3.38 -25.45 14.91
C ASP F 52 4.68 -25.35 15.70
N VAL F 53 5.76 -25.90 15.13
CA VAL F 53 7.11 -25.72 15.63
C VAL F 53 7.34 -26.47 16.94
N SER F 54 6.55 -26.18 17.96
CA SER F 54 6.88 -26.63 19.31
C SER F 54 5.69 -27.16 20.11
N ILE F 55 4.51 -27.24 19.49
CA ILE F 55 3.33 -27.69 20.20
C ILE F 55 3.21 -29.20 20.07
N ARG F 56 3.22 -29.90 21.20
CA ARG F 56 3.16 -31.35 21.23
C ARG F 56 1.74 -31.83 21.49
N PRO F 57 1.11 -32.54 20.55
CA PRO F 57 -0.22 -33.09 20.82
C PRO F 57 -0.21 -34.08 21.97
N SER F 58 -1.40 -34.57 22.31
CA SER F 58 -1.52 -35.54 23.40
C SER F 58 -0.83 -36.85 23.03
N GLY F 59 -0.21 -37.48 24.02
CA GLY F 59 0.47 -38.75 23.82
C GLY F 59 1.90 -38.63 23.31
N VAL F 60 2.41 -37.42 23.14
CA VAL F 60 3.77 -37.22 22.66
C VAL F 60 4.69 -37.00 23.85
N SER F 61 5.81 -37.72 23.87
CA SER F 61 6.75 -37.60 24.98
C SER F 61 7.47 -36.26 24.92
N ALA F 62 7.93 -35.81 26.09
CA ALA F 62 8.69 -34.57 26.18
C ALA F 62 10.06 -34.67 25.55
N ARG F 63 10.52 -35.88 25.21
CA ARG F 63 11.84 -36.04 24.61
C ARG F 63 11.93 -35.35 23.24
N PHE F 64 10.90 -35.50 22.42
CA PHE F 64 10.90 -34.91 21.08
C PHE F 64 10.48 -33.44 21.15
N SER F 65 11.42 -32.55 20.86
CA SER F 65 11.11 -31.13 20.80
C SER F 65 12.21 -30.40 20.03
N GLY F 66 11.80 -29.36 19.31
CA GLY F 66 12.70 -28.54 18.53
C GLY F 66 11.98 -27.31 18.04
N SER F 67 12.74 -26.25 17.82
CA SER F 67 12.13 -25.01 17.36
C SER F 67 13.19 -24.04 16.85
N LYS F 68 12.83 -23.31 15.81
CA LYS F 68 13.50 -22.10 15.37
C LYS F 68 12.69 -21.45 14.26
N SER F 69 13.03 -20.21 13.93
CA SER F 69 12.39 -19.50 12.82
C SER F 69 13.47 -19.00 11.88
N GLY F 70 13.03 -18.43 10.75
CA GLY F 70 14.00 -17.99 9.75
C GLY F 70 14.07 -18.96 8.61
N ASN F 71 15.29 -19.33 8.21
CA ASN F 71 15.52 -20.20 7.08
C ASN F 71 15.58 -21.68 7.44
N THR F 72 15.57 -22.01 8.74
CA THR F 72 15.75 -23.39 9.19
C THR F 72 14.90 -23.67 10.42
N ALA F 73 14.36 -24.88 10.49
CA ALA F 73 13.70 -25.40 11.68
C ALA F 73 14.46 -26.63 12.16
N SER F 74 14.74 -26.69 13.46
CA SER F 74 15.54 -27.75 14.05
C SER F 74 14.66 -28.63 14.93
N LEU F 75 14.89 -29.94 14.88
CA LEU F 75 14.26 -30.90 15.77
C LEU F 75 15.34 -31.53 16.64
N THR F 76 15.13 -31.55 17.96
CA THR F 76 16.09 -32.08 18.91
C THR F 76 15.45 -33.22 19.70
N ILE F 77 16.24 -34.25 19.99
CA ILE F 77 15.78 -35.44 20.71
C ILE F 77 16.72 -35.73 21.86
N SER F 78 16.16 -36.09 23.01
CA SER F 78 16.92 -36.46 24.18
C SER F 78 16.48 -37.85 24.65
N GLY F 79 17.37 -38.54 25.36
CA GLY F 79 17.08 -39.86 25.86
C GLY F 79 16.85 -40.86 24.74
N LEU F 80 17.77 -40.90 23.78
CA LEU F 80 17.56 -41.67 22.57
C LEU F 80 17.38 -43.16 22.90
N GLN F 81 16.48 -43.81 22.16
CA GLN F 81 16.22 -45.23 22.32
C GLN F 81 16.06 -45.88 20.95
N VAL F 82 16.05 -47.21 20.95
CA VAL F 82 15.99 -47.95 19.68
C VAL F 82 14.69 -47.65 18.95
N GLU F 83 13.57 -47.61 19.67
CA GLU F 83 12.27 -47.42 19.01
C GLU F 83 12.15 -46.04 18.38
N ASP F 84 13.03 -45.10 18.71
CA ASP F 84 13.01 -43.77 18.11
C ASP F 84 13.40 -43.78 16.64
N GLU F 85 14.03 -44.85 16.15
CA GLU F 85 14.40 -44.93 14.74
C GLU F 85 13.14 -44.87 13.88
N ALA F 86 13.17 -44.05 12.85
CA ALA F 86 12.00 -43.86 12.00
C ALA F 86 12.40 -42.98 10.82
N ASP F 87 11.41 -42.65 9.98
CA ASP F 87 11.59 -41.73 8.88
C ASP F 87 10.99 -40.38 9.27
N TYR F 88 11.67 -39.30 8.87
CA TYR F 88 11.29 -37.96 9.25
C TYR F 88 11.13 -37.07 8.02
N TYR F 89 10.11 -36.22 8.05
CA TYR F 89 9.80 -35.33 6.95
C TYR F 89 9.36 -33.98 7.50
N CYS F 90 9.79 -32.91 6.85
CA CYS F 90 9.36 -31.57 7.22
C CYS F 90 8.31 -31.07 6.24
N SER F 91 7.49 -30.14 6.71
CA SER F 91 6.38 -29.64 5.91
C SER F 91 6.20 -28.16 6.19
N SER F 92 5.52 -27.48 5.26
CA SER F 92 5.26 -26.05 5.37
C SER F 92 4.03 -25.70 4.56
N TYR F 93 3.44 -24.56 4.89
CA TYR F 93 2.28 -24.03 4.19
C TYR F 93 2.59 -22.59 3.77
N THR F 94 2.44 -22.32 2.48
CA THR F 94 2.82 -21.02 1.92
C THR F 94 1.58 -20.13 1.76
N SER F 95 1.84 -18.89 1.35
CA SER F 95 0.76 -17.94 1.10
C SER F 95 0.03 -18.22 -0.20
N ASP F 96 0.59 -19.08 -1.06
CA ASP F 96 -0.01 -19.42 -2.34
C ASP F 96 -0.99 -20.59 -2.25
N ILE F 97 -1.49 -20.88 -1.05
CA ILE F 97 -2.42 -21.99 -0.85
C ILE F 97 -1.81 -23.26 -1.43
N ASN F 98 -0.67 -23.67 -0.89
CA ASN F 98 0.00 -24.89 -1.31
C ASN F 98 0.73 -25.49 -0.13
N ILE F 99 1.00 -26.79 -0.22
CA ILE F 99 1.68 -27.54 0.84
C ILE F 99 2.88 -28.24 0.22
N LEU F 100 4.01 -28.21 0.93
CA LEU F 100 5.26 -28.75 0.42
C LEU F 100 5.85 -29.71 1.44
N PHE F 101 6.63 -30.66 0.93
CA PHE F 101 7.33 -31.65 1.76
C PHE F 101 8.78 -31.72 1.33
N GLY F 102 9.64 -32.07 2.27
CA GLY F 102 11.06 -32.19 1.97
C GLY F 102 11.39 -33.51 1.31
N GLY F 103 12.68 -33.68 1.04
CA GLY F 103 13.13 -34.92 0.43
C GLY F 103 13.09 -36.11 1.36
N GLY F 104 12.94 -35.88 2.65
CA GLY F 104 12.82 -36.97 3.60
C GLY F 104 14.16 -37.35 4.21
N THR F 105 14.09 -38.06 5.33
CA THR F 105 15.26 -38.59 6.01
C THR F 105 15.05 -40.08 6.23
N LYS F 106 16.09 -40.86 5.95
CA LYS F 106 16.00 -42.32 5.97
C LYS F 106 16.80 -42.86 7.14
N LEU F 107 16.10 -43.43 8.12
CA LEU F 107 16.72 -44.15 9.22
C LEU F 107 15.93 -45.41 9.49
N THR F 108 16.54 -46.56 9.23
CA THR F 108 15.88 -47.85 9.44
C THR F 108 16.91 -48.89 9.87
N VAL F 109 16.47 -49.80 10.73
CA VAL F 109 17.29 -50.92 11.18
C VAL F 109 16.47 -52.19 11.04
N LEU F 110 17.10 -53.24 10.51
CA LEU F 110 16.41 -54.51 10.27
C LEU F 110 15.71 -54.98 11.55
C1 PLM G . 2.23 0.67 12.21
O1 PLM G . 1.79 0.24 13.30
O2 PLM G . 1.64 1.47 11.45
C2 PLM G . 3.61 0.16 11.77
C3 PLM G . 3.61 -0.89 10.67
C4 PLM G . 4.71 -1.93 10.84
C5 PLM G . 6.13 -1.37 10.95
C6 PLM G . 7.22 -2.40 11.21
C7 PLM G . 8.30 -1.96 12.19
C8 PLM G . 9.71 -2.05 11.62
C9 PLM G . 9.98 -1.04 10.52
CA PLM G . 10.83 0.15 10.96
CB PLM G . 12.30 -0.17 11.19
CC PLM G . 13.18 -0.01 9.94
CD PLM G . 13.59 -1.33 9.29
CE PLM G . 14.97 -1.85 9.69
CF PLM G . 15.30 -3.25 9.15
CG PLM G . 16.57 -3.83 9.75
H21 PLM G . 4.09 -0.19 12.55
H22 PLM G . 4.13 0.92 11.48
H31 PLM G . 2.75 -1.34 10.65
H32 PLM G . 3.70 -0.44 9.81
H41 PLM G . 4.50 -2.49 11.61
H42 PLM G . 4.68 -2.54 10.09
H51 PLM G . 6.14 -0.71 11.67
H52 PLM G . 6.33 -0.88 10.14
H61 PLM G . 7.64 -2.61 10.36
H62 PLM G . 6.83 -3.23 11.52
H71 PLM G . 8.26 -2.50 12.99
H72 PLM G . 8.13 -1.04 12.47
H81 PLM G . 9.86 -2.95 11.29
H82 PLM G . 10.35 -1.93 12.35
H91 PLM G . 9.14 -0.72 10.17
H92 PLM G . 10.43 -1.49 9.79
HA1 PLM G . 10.47 0.51 11.78
HA2 PLM G . 10.76 0.87 10.30
HB1 PLM G . 12.40 -1.08 11.51
HB2 PLM G . 12.66 0.40 11.89
HC1 PLM G . 12.71 0.54 9.30
HC2 PLM G . 13.98 0.49 10.18
HD1 PLM G . 13.57 -1.21 8.33
HD2 PLM G . 12.92 -2.01 9.48
HE1 PLM G . 15.65 -1.23 9.39
HE2 PLM G . 15.04 -1.87 10.66
HF1 PLM G . 14.56 -3.84 9.33
HF2 PLM G . 15.39 -3.22 8.18
HG1 PLM G . 17.35 -3.26 9.58
HG2 PLM G . 16.77 -4.70 9.37
HG3 PLM G . 16.49 -3.94 10.70
#